data_2CGQ
# 
_entry.id   2CGQ 
# 
_audit_conform.dict_name       mmcif_pdbx.dic 
_audit_conform.dict_version    5.382 
_audit_conform.dict_location   http://mmcif.pdb.org/dictionaries/ascii/mmcif_pdbx.dic 
# 
loop_
_database_2.database_id 
_database_2.database_code 
_database_2.pdbx_database_accession 
_database_2.pdbx_DOI 
PDB   2CGQ         pdb_00002cgq 10.2210/pdb2cgq/pdb 
PDBE  EBI-28093    ?            ?                   
WWPDB D_1290028093 ?            ?                   
# 
_pdbx_database_status.status_code                     REL 
_pdbx_database_status.entry_id                        2CGQ 
_pdbx_database_status.deposit_site                    PDBE 
_pdbx_database_status.process_site                    PDBE 
_pdbx_database_status.SG_entry                        . 
_pdbx_database_status.recvd_initial_deposition_date   2006-03-09 
_pdbx_database_status.pdb_format_compatible           Y 
_pdbx_database_status.status_code_sf                  REL 
_pdbx_database_status.status_code_mr                  ? 
_pdbx_database_status.status_code_cs                  ? 
_pdbx_database_status.methods_development_category    ? 
_pdbx_database_status.status_code_nmr_data            ? 
# 
loop_
_audit_author.name 
_audit_author.pdbx_ordinal 
'Ma, Q.'       1 
'Wilmanns, M.' 2 
# 
_citation.id                        primary 
_citation.title                     'The Structure of a Putative Acyl Carrier Protein (Rv0033) from Mycobacterium Tuberculosis' 
_citation.journal_abbrev            'To be Published' 
_citation.journal_volume            ? 
_citation.page_first                ? 
_citation.page_last                 ? 
_citation.year                      ? 
_citation.journal_id_ASTM           ? 
_citation.country                   ? 
_citation.journal_id_ISSN           ? 
_citation.journal_id_CSD            0353 
_citation.book_publisher            ? 
_citation.pdbx_database_id_PubMed   ? 
_citation.pdbx_database_id_DOI      ? 
# 
loop_
_citation_author.citation_id 
_citation_author.name 
_citation_author.ordinal 
_citation_author.identifier_ORCID 
primary 'Ma, Q.'       1 ? 
primary 'Wilmanns, M.' 2 ? 
# 
_cell.entry_id           2CGQ 
_cell.length_a           45.222 
_cell.length_b           45.222 
_cell.length_c           78.152 
_cell.angle_alpha        90.00 
_cell.angle_beta         90.00 
_cell.angle_gamma        120.00 
_cell.Z_PDB              6 
_cell.pdbx_unique_axis   ? 
# 
_symmetry.entry_id                         2CGQ 
_symmetry.space_group_name_H-M             'P 32 2 1' 
_symmetry.pdbx_full_space_group_name_H-M   ? 
_symmetry.cell_setting                     ? 
_symmetry.Int_Tables_number                154 
# 
loop_
_entity.id 
_entity.type 
_entity.src_method 
_entity.pdbx_description 
_entity.formula_weight 
_entity.pdbx_number_of_molecules 
_entity.pdbx_ec 
_entity.pdbx_mutation 
_entity.pdbx_fragment 
_entity.details 
1 polymer man 'ACYL CARRIER PROTEIN ACPA' 12755.297 1  ? ? ? ? 
2 water   nat water                       18.015    64 ? ? ? ? 
# 
_entity_name_com.entity_id   1 
_entity_name_com.name        'ACP, ACYL CARRIER PROTEIN' 
# 
_entity_poly.entity_id                      1 
_entity_poly.type                           'polypeptide(L)' 
_entity_poly.nstd_linkage                   no 
_entity_poly.nstd_monomer                   no 
_entity_poly.pdbx_seq_one_letter_code       
;MKHHHHHHPMSDYDIPTTENLYFQGAMEEAINATIQRILRTDRGITANQVLVDDLGFDSLKLFQLITELEDEFDIAISFR
DAQNIKTVGDVYTSVAVWFPETAKPAPLGKGTA
;
_entity_poly.pdbx_seq_one_letter_code_can   
;MKHHHHHHPMSDYDIPTTENLYFQGAMEEAINATIQRILRTDRGITANQVLVDDLGFDSLKLFQLITELEDEFDIAISFR
DAQNIKTVGDVYTSVAVWFPETAKPAPLGKGTA
;
_entity_poly.pdbx_strand_id                 A 
_entity_poly.pdbx_target_identifier         ? 
# 
loop_
_entity_poly_seq.entity_id 
_entity_poly_seq.num 
_entity_poly_seq.mon_id 
_entity_poly_seq.hetero 
1 1   MET n 
1 2   LYS n 
1 3   HIS n 
1 4   HIS n 
1 5   HIS n 
1 6   HIS n 
1 7   HIS n 
1 8   HIS n 
1 9   PRO n 
1 10  MET n 
1 11  SER n 
1 12  ASP n 
1 13  TYR n 
1 14  ASP n 
1 15  ILE n 
1 16  PRO n 
1 17  THR n 
1 18  THR n 
1 19  GLU n 
1 20  ASN n 
1 21  LEU n 
1 22  TYR n 
1 23  PHE n 
1 24  GLN n 
1 25  GLY n 
1 26  ALA n 
1 27  MET n 
1 28  GLU n 
1 29  GLU n 
1 30  ALA n 
1 31  ILE n 
1 32  ASN n 
1 33  ALA n 
1 34  THR n 
1 35  ILE n 
1 36  GLN n 
1 37  ARG n 
1 38  ILE n 
1 39  LEU n 
1 40  ARG n 
1 41  THR n 
1 42  ASP n 
1 43  ARG n 
1 44  GLY n 
1 45  ILE n 
1 46  THR n 
1 47  ALA n 
1 48  ASN n 
1 49  GLN n 
1 50  VAL n 
1 51  LEU n 
1 52  VAL n 
1 53  ASP n 
1 54  ASP n 
1 55  LEU n 
1 56  GLY n 
1 57  PHE n 
1 58  ASP n 
1 59  SER n 
1 60  LEU n 
1 61  LYS n 
1 62  LEU n 
1 63  PHE n 
1 64  GLN n 
1 65  LEU n 
1 66  ILE n 
1 67  THR n 
1 68  GLU n 
1 69  LEU n 
1 70  GLU n 
1 71  ASP n 
1 72  GLU n 
1 73  PHE n 
1 74  ASP n 
1 75  ILE n 
1 76  ALA n 
1 77  ILE n 
1 78  SER n 
1 79  PHE n 
1 80  ARG n 
1 81  ASP n 
1 82  ALA n 
1 83  GLN n 
1 84  ASN n 
1 85  ILE n 
1 86  LYS n 
1 87  THR n 
1 88  VAL n 
1 89  GLY n 
1 90  ASP n 
1 91  VAL n 
1 92  TYR n 
1 93  THR n 
1 94  SER n 
1 95  VAL n 
1 96  ALA n 
1 97  VAL n 
1 98  TRP n 
1 99  PHE n 
1 100 PRO n 
1 101 GLU n 
1 102 THR n 
1 103 ALA n 
1 104 LYS n 
1 105 PRO n 
1 106 ALA n 
1 107 PRO n 
1 108 LEU n 
1 109 GLY n 
1 110 LYS n 
1 111 GLY n 
1 112 THR n 
1 113 ALA n 
# 
_entity_src_gen.entity_id                          1 
_entity_src_gen.pdbx_src_id                        1 
_entity_src_gen.pdbx_alt_source_flag               sample 
_entity_src_gen.pdbx_seq_type                      ? 
_entity_src_gen.pdbx_beg_seq_num                   ? 
_entity_src_gen.pdbx_end_seq_num                   ? 
_entity_src_gen.gene_src_common_name               ? 
_entity_src_gen.gene_src_genus                     ? 
_entity_src_gen.pdbx_gene_src_gene                 ? 
_entity_src_gen.gene_src_species                   ? 
_entity_src_gen.gene_src_strain                    H37RV 
_entity_src_gen.gene_src_tissue                    ? 
_entity_src_gen.gene_src_tissue_fraction           ? 
_entity_src_gen.gene_src_details                   ? 
_entity_src_gen.pdbx_gene_src_fragment             ? 
_entity_src_gen.pdbx_gene_src_scientific_name      'MYCOBACTERIUM TUBERCULOSIS' 
_entity_src_gen.pdbx_gene_src_ncbi_taxonomy_id     83332 
_entity_src_gen.pdbx_gene_src_variant              ? 
_entity_src_gen.pdbx_gene_src_cell_line            ? 
_entity_src_gen.pdbx_gene_src_atcc                 ? 
_entity_src_gen.pdbx_gene_src_organ                ? 
_entity_src_gen.pdbx_gene_src_organelle            ? 
_entity_src_gen.pdbx_gene_src_cell                 ? 
_entity_src_gen.pdbx_gene_src_cellular_location    ? 
_entity_src_gen.host_org_common_name               ? 
_entity_src_gen.pdbx_host_org_scientific_name      'Escherichia coli BL21(DE3)' 
_entity_src_gen.pdbx_host_org_ncbi_taxonomy_id     469008 
_entity_src_gen.host_org_genus                     ? 
_entity_src_gen.pdbx_host_org_gene                 ? 
_entity_src_gen.pdbx_host_org_organ                ? 
_entity_src_gen.host_org_species                   ? 
_entity_src_gen.pdbx_host_org_tissue               ? 
_entity_src_gen.pdbx_host_org_tissue_fraction      ? 
_entity_src_gen.pdbx_host_org_strain               ? 
_entity_src_gen.pdbx_host_org_variant              'Rosetta pLySS' 
_entity_src_gen.pdbx_host_org_cell_line            ? 
_entity_src_gen.pdbx_host_org_atcc                 ? 
_entity_src_gen.pdbx_host_org_culture_collection   ? 
_entity_src_gen.pdbx_host_org_cell                 ? 
_entity_src_gen.pdbx_host_org_organelle            ? 
_entity_src_gen.pdbx_host_org_cellular_location    ? 
_entity_src_gen.pdbx_host_org_vector_type          PLASMID 
_entity_src_gen.pdbx_host_org_vector               ? 
_entity_src_gen.host_org_details                   ? 
_entity_src_gen.expression_system_id               ? 
_entity_src_gen.plasmid_name                       PETM11 
_entity_src_gen.plasmid_details                    ? 
_entity_src_gen.pdbx_description                   ? 
# 
loop_
_struct_ref.id 
_struct_ref.db_name 
_struct_ref.db_code 
_struct_ref.entity_id 
_struct_ref.pdbx_seq_one_letter_code 
_struct_ref.pdbx_align_begin 
_struct_ref.pdbx_db_accession 
_struct_ref.pdbx_db_isoform 
1 PDB 2CGQ         1 ? ? 2CGQ   ? 
2 UNP P71603_MYCTU 1 ? ? P71603 ? 
# 
loop_
_struct_ref_seq.align_id 
_struct_ref_seq.ref_id 
_struct_ref_seq.pdbx_PDB_id_code 
_struct_ref_seq.pdbx_strand_id 
_struct_ref_seq.seq_align_beg 
_struct_ref_seq.pdbx_seq_align_beg_ins_code 
_struct_ref_seq.seq_align_end 
_struct_ref_seq.pdbx_seq_align_end_ins_code 
_struct_ref_seq.pdbx_db_accession 
_struct_ref_seq.db_align_beg 
_struct_ref_seq.pdbx_db_align_beg_ins_code 
_struct_ref_seq.db_align_end 
_struct_ref_seq.pdbx_db_align_end_ins_code 
_struct_ref_seq.pdbx_auth_seq_align_beg 
_struct_ref_seq.pdbx_auth_seq_align_end 
1 1 2CGQ A 1  ? 26  ? 2CGQ   -25 ? 0  ? -25 0  
2 2 2CGQ A 27 ? 113 ? P71603 1   ? 87 ? 1   87 
# 
_struct_ref_seq_dif.align_id                     1 
_struct_ref_seq_dif.pdbx_pdb_id_code             2CGQ 
_struct_ref_seq_dif.mon_id                       GLU 
_struct_ref_seq_dif.pdbx_pdb_strand_id           A 
_struct_ref_seq_dif.seq_num                      28 
_struct_ref_seq_dif.pdbx_pdb_ins_code            ? 
_struct_ref_seq_dif.pdbx_seq_db_name             UNP 
_struct_ref_seq_dif.pdbx_seq_db_accession_code   P71603 
_struct_ref_seq_dif.db_mon_id                    LYS 
_struct_ref_seq_dif.pdbx_seq_db_seq_num          2 
_struct_ref_seq_dif.details                      conflict 
_struct_ref_seq_dif.pdbx_auth_seq_num            2 
_struct_ref_seq_dif.pdbx_ordinal                 1 
# 
loop_
_chem_comp.id 
_chem_comp.type 
_chem_comp.mon_nstd_flag 
_chem_comp.name 
_chem_comp.pdbx_synonyms 
_chem_comp.formula 
_chem_comp.formula_weight 
ALA 'L-peptide linking' y ALANINE         ? 'C3 H7 N O2'     89.093  
ARG 'L-peptide linking' y ARGININE        ? 'C6 H15 N4 O2 1' 175.209 
ASN 'L-peptide linking' y ASPARAGINE      ? 'C4 H8 N2 O3'    132.118 
ASP 'L-peptide linking' y 'ASPARTIC ACID' ? 'C4 H7 N O4'     133.103 
GLN 'L-peptide linking' y GLUTAMINE       ? 'C5 H10 N2 O3'   146.144 
GLU 'L-peptide linking' y 'GLUTAMIC ACID' ? 'C5 H9 N O4'     147.129 
GLY 'peptide linking'   y GLYCINE         ? 'C2 H5 N O2'     75.067  
HIS 'L-peptide linking' y HISTIDINE       ? 'C6 H10 N3 O2 1' 156.162 
HOH non-polymer         . WATER           ? 'H2 O'           18.015  
ILE 'L-peptide linking' y ISOLEUCINE      ? 'C6 H13 N O2'    131.173 
LEU 'L-peptide linking' y LEUCINE         ? 'C6 H13 N O2'    131.173 
LYS 'L-peptide linking' y LYSINE          ? 'C6 H15 N2 O2 1' 147.195 
MET 'L-peptide linking' y METHIONINE      ? 'C5 H11 N O2 S'  149.211 
PHE 'L-peptide linking' y PHENYLALANINE   ? 'C9 H11 N O2'    165.189 
PRO 'L-peptide linking' y PROLINE         ? 'C5 H9 N O2'     115.130 
SER 'L-peptide linking' y SERINE          ? 'C3 H7 N O3'     105.093 
THR 'L-peptide linking' y THREONINE       ? 'C4 H9 N O3'     119.119 
TRP 'L-peptide linking' y TRYPTOPHAN      ? 'C11 H12 N2 O2'  204.225 
TYR 'L-peptide linking' y TYROSINE        ? 'C9 H11 N O3'    181.189 
VAL 'L-peptide linking' y VALINE          ? 'C5 H11 N O2'    117.146 
# 
_exptl.entry_id          2CGQ 
_exptl.method            'X-RAY DIFFRACTION' 
_exptl.crystals_number   1 
# 
_exptl_crystal.id                    1 
_exptl_crystal.density_meas          ? 
_exptl_crystal.density_Matthews      1.8 
_exptl_crystal.density_percent_sol   31.5 
_exptl_crystal.description           ? 
# 
_exptl_crystal_grow.crystal_id      1 
_exptl_crystal_grow.method          ? 
_exptl_crystal_grow.temp            ? 
_exptl_crystal_grow.temp_details    ? 
_exptl_crystal_grow.pH              6.50 
_exptl_crystal_grow.pdbx_pH_range   ? 
_exptl_crystal_grow.pdbx_details    '0.1M BIS-TRIS PH6.5, 0.2M NACL, 25%(W/V)PEG3350, pH 6.50' 
# 
_diffrn.id                     1 
_diffrn.ambient_temp           100.0 
_diffrn.ambient_temp_details   ? 
_diffrn.crystal_id             1 
# 
_diffrn_detector.diffrn_id              1 
_diffrn_detector.detector               CCD 
_diffrn_detector.type                   MARRESEARCH 
_diffrn_detector.pdbx_collection_date   2005-09-23 
_diffrn_detector.details                MIRROR 
# 
_diffrn_radiation.diffrn_id                        1 
_diffrn_radiation.wavelength_id                    1 
_diffrn_radiation.pdbx_monochromatic_or_laue_m_l   M 
_diffrn_radiation.monochromator                    'FOCUSSING SILICON CRYSTAL' 
_diffrn_radiation.pdbx_diffrn_protocol             'SINGLE WAVELENGTH' 
_diffrn_radiation.pdbx_scattering_type             x-ray 
# 
_diffrn_radiation_wavelength.id           1 
_diffrn_radiation_wavelength.wavelength   0.8075 
_diffrn_radiation_wavelength.wt           1.0 
# 
_diffrn_source.diffrn_id                   1 
_diffrn_source.source                      SYNCHROTRON 
_diffrn_source.type                        'EMBL/DESY, HAMBURG BEAMLINE X13' 
_diffrn_source.pdbx_synchrotron_site       'EMBL/DESY, HAMBURG' 
_diffrn_source.pdbx_synchrotron_beamline   X13 
_diffrn_source.pdbx_wavelength             0.8075 
_diffrn_source.pdbx_wavelength_list        ? 
# 
_reflns.pdbx_diffrn_id               1 
_reflns.pdbx_ordinal                 1 
_reflns.entry_id                     2CGQ 
_reflns.observed_criterion_sigma_I   ? 
_reflns.observed_criterion_sigma_F   ? 
_reflns.d_resolution_low             39.160 
_reflns.d_resolution_high            1.830 
_reflns.number_obs                   8555 
_reflns.number_all                   ? 
_reflns.percent_possible_obs         98.8 
_reflns.pdbx_Rmerge_I_obs            0.03000 
_reflns.pdbx_Rsym_value              ? 
_reflns.pdbx_netI_over_sigmaI        35.7400 
_reflns.B_iso_Wilson_estimate        ? 
_reflns.pdbx_redundancy              6.250 
# 
_reflns_shell.pdbx_diffrn_id         1 
_reflns_shell.pdbx_ordinal           1 
_reflns_shell.d_res_high             1.83 
_reflns_shell.d_res_low              1.95 
_reflns_shell.percent_possible_all   96.4 
_reflns_shell.Rmerge_I_obs           0.20000 
_reflns_shell.pdbx_Rsym_value        ? 
_reflns_shell.meanI_over_sigI_obs    9.190 
_reflns_shell.pdbx_redundancy        5.54 
# 
_refine.pdbx_refine_id                           'X-RAY DIFFRACTION' 
_refine.entry_id                                 2CGQ 
_refine.pdbx_diffrn_id                           1 
_refine.pdbx_TLS_residual_ADP_flag               'LIKELY RESIDUAL' 
_refine.ls_number_reflns_obs                     7690 
_refine.ls_number_reflns_all                     ? 
_refine.pdbx_ls_sigma_I                          ? 
_refine.pdbx_ls_sigma_F                          ? 
_refine.pdbx_data_cutoff_high_absF               ? 
_refine.pdbx_data_cutoff_low_absF                ? 
_refine.pdbx_data_cutoff_high_rms_absF           ? 
_refine.ls_d_res_low                             39.16 
_refine.ls_d_res_high                            1.83 
_refine.ls_percent_reflns_obs                    99.9 
_refine.ls_R_factor_obs                          0.182 
_refine.ls_R_factor_all                          ? 
_refine.ls_R_factor_R_work                       0.179 
_refine.ls_R_factor_R_free                       0.217 
_refine.ls_R_factor_R_free_error                 ? 
_refine.ls_R_factor_R_free_error_details         ? 
_refine.ls_percent_reflns_R_free                 9.700 
_refine.ls_number_reflns_R_free                  829 
_refine.ls_number_parameters                     ? 
_refine.ls_number_restraints                     ? 
_refine.occupancy_min                            ? 
_refine.occupancy_max                            ? 
_refine.correlation_coeff_Fo_to_Fc               0.952 
_refine.correlation_coeff_Fo_to_Fc_free          0.938 
_refine.B_iso_mean                               26.72 
_refine.aniso_B[1][1]                            0.59000 
_refine.aniso_B[2][2]                            0.59000 
_refine.aniso_B[3][3]                            -0.89000 
_refine.aniso_B[1][2]                            0.30000 
_refine.aniso_B[1][3]                            0.00000 
_refine.aniso_B[2][3]                            0.00000 
_refine.solvent_model_details                    'BABINET MODEL WITH MASK' 
_refine.solvent_model_param_ksol                 ? 
_refine.solvent_model_param_bsol                 ? 
_refine.pdbx_solvent_vdw_probe_radii             1.20 
_refine.pdbx_solvent_ion_probe_radii             0.80 
_refine.pdbx_solvent_shrinkage_radii             0.80 
_refine.pdbx_ls_cross_valid_method               THROUGHOUT 
_refine.details                                  'HYDROGENS HAVE BEEN ADDED IN THE RIDING POSITIONS.' 
_refine.pdbx_starting_model                      'PDB ENTRY 1T8K' 
_refine.pdbx_method_to_determine_struct          'MOLECULAR REPLACEMENT' 
_refine.pdbx_isotropic_thermal_model             ? 
_refine.pdbx_stereochemistry_target_values       'MAXIMUM LIKELIHOOD' 
_refine.pdbx_stereochem_target_val_spec_case     ? 
_refine.pdbx_R_Free_selection_details            RANDOM 
_refine.pdbx_overall_ESU_R                       0.123 
_refine.pdbx_overall_ESU_R_Free                  0.121 
_refine.overall_SU_ML                            0.073 
_refine.pdbx_overall_phase_error                 ? 
_refine.overall_SU_B                             4.464 
_refine.overall_SU_R_Cruickshank_DPI             ? 
_refine.pdbx_overall_SU_R_free_Cruickshank_DPI   ? 
_refine.pdbx_overall_SU_R_Blow_DPI               ? 
_refine.pdbx_overall_SU_R_free_Blow_DPI          ? 
# 
_refine_hist.pdbx_refine_id                   'X-RAY DIFFRACTION' 
_refine_hist.cycle_id                         LAST 
_refine_hist.pdbx_number_atoms_protein        589 
_refine_hist.pdbx_number_atoms_nucleic_acid   0 
_refine_hist.pdbx_number_atoms_ligand         0 
_refine_hist.number_atoms_solvent             64 
_refine_hist.number_atoms_total               653 
_refine_hist.d_res_high                       1.83 
_refine_hist.d_res_low                        39.16 
# 
loop_
_refine_ls_restr.type 
_refine_ls_restr.dev_ideal 
_refine_ls_restr.dev_ideal_target 
_refine_ls_restr.weight 
_refine_ls_restr.number 
_refine_ls_restr.pdbx_refine_id 
_refine_ls_restr.pdbx_restraint_function 
r_bond_refined_d             0.019  0.022  ? 613  'X-RAY DIFFRACTION' ? 
r_bond_other_d               0.001  0.020  ? 567  'X-RAY DIFFRACTION' ? 
r_angle_refined_deg          1.533  1.941  ? 833  'X-RAY DIFFRACTION' ? 
r_angle_other_deg            0.859  3.000  ? 1312 'X-RAY DIFFRACTION' ? 
r_dihedral_angle_1_deg       5.286  5.000  ? 75   'X-RAY DIFFRACTION' ? 
r_dihedral_angle_2_deg       34.454 25.455 ? 33   'X-RAY DIFFRACTION' ? 
r_dihedral_angle_3_deg       12.242 15.000 ? 109  'X-RAY DIFFRACTION' ? 
r_dihedral_angle_4_deg       21.039 15.000 ? 4    'X-RAY DIFFRACTION' ? 
r_chiral_restr               0.088  0.200  ? 101  'X-RAY DIFFRACTION' ? 
r_gen_planes_refined         0.007  0.020  ? 686  'X-RAY DIFFRACTION' ? 
r_gen_planes_other           0.002  0.020  ? 125  'X-RAY DIFFRACTION' ? 
r_nbd_refined                0.226  0.200  ? 127  'X-RAY DIFFRACTION' ? 
r_nbd_other                  0.164  0.200  ? 600  'X-RAY DIFFRACTION' ? 
r_nbtor_refined              0.182  0.200  ? 323  'X-RAY DIFFRACTION' ? 
r_nbtor_other                0.083  0.200  ? 379  'X-RAY DIFFRACTION' ? 
r_xyhbond_nbd_refined        0.221  0.200  ? 52   'X-RAY DIFFRACTION' ? 
r_xyhbond_nbd_other          ?      ?      ? ?    'X-RAY DIFFRACTION' ? 
r_metal_ion_refined          ?      ?      ? ?    'X-RAY DIFFRACTION' ? 
r_metal_ion_other            ?      ?      ? ?    'X-RAY DIFFRACTION' ? 
r_symmetry_vdw_refined       0.142  0.200  ? 2    'X-RAY DIFFRACTION' ? 
r_symmetry_vdw_other         0.362  0.200  ? 31   'X-RAY DIFFRACTION' ? 
r_symmetry_hbond_refined     0.256  0.200  ? 6    'X-RAY DIFFRACTION' ? 
r_symmetry_hbond_other       ?      ?      ? ?    'X-RAY DIFFRACTION' ? 
r_symmetry_metal_ion_refined ?      ?      ? ?    'X-RAY DIFFRACTION' ? 
r_symmetry_metal_ion_other   ?      ?      ? ?    'X-RAY DIFFRACTION' ? 
r_mcbond_it                  1.230  1.500  ? 489  'X-RAY DIFFRACTION' ? 
r_mcbond_other               0.322  1.500  ? 155  'X-RAY DIFFRACTION' ? 
r_mcangle_it                 1.459  2.000  ? 610  'X-RAY DIFFRACTION' ? 
r_mcangle_other              ?      ?      ? ?    'X-RAY DIFFRACTION' ? 
r_scbond_it                  2.625  3.000  ? 272  'X-RAY DIFFRACTION' ? 
r_scbond_other               ?      ?      ? ?    'X-RAY DIFFRACTION' ? 
r_scangle_it                 3.650  4.500  ? 223  'X-RAY DIFFRACTION' ? 
r_scangle_other              ?      ?      ? ?    'X-RAY DIFFRACTION' ? 
r_long_range_B_refined       ?      ?      ? ?    'X-RAY DIFFRACTION' ? 
r_long_range_B_other         ?      ?      ? ?    'X-RAY DIFFRACTION' ? 
r_rigid_bond_restr           ?      ?      ? ?    'X-RAY DIFFRACTION' ? 
r_sphericity_free            ?      ?      ? ?    'X-RAY DIFFRACTION' ? 
r_sphericity_bonded          ?      ?      ? ?    'X-RAY DIFFRACTION' ? 
# 
_refine_ls_shell.pdbx_refine_id                   'X-RAY DIFFRACTION' 
_refine_ls_shell.pdbx_total_number_of_bins_used   20 
_refine_ls_shell.d_res_high                       1.83 
_refine_ls_shell.d_res_low                        1.88 
_refine_ls_shell.number_reflns_R_work             519 
_refine_ls_shell.R_factor_R_work                  0.2760 
_refine_ls_shell.percent_reflns_obs               98.45 
_refine_ls_shell.R_factor_R_free                  0.3540 
_refine_ls_shell.R_factor_R_free_error            ? 
_refine_ls_shell.percent_reflns_R_free            ? 
_refine_ls_shell.number_reflns_R_free             54 
_refine_ls_shell.number_reflns_all                ? 
_refine_ls_shell.R_factor_all                     ? 
# 
_struct.entry_id                  2CGQ 
_struct.title                     'a putative acyl carrier protein(Rv0033) from Mycobacterium tuberculosis' 
_struct.pdbx_model_details        ? 
_struct.pdbx_CASP_flag            ? 
_struct.pdbx_model_type_details   ? 
# 
_struct_keywords.entry_id        2CGQ 
_struct_keywords.pdbx_keywords   'PROTEIN TRANSPORT' 
_struct_keywords.text            'RV0033, ACYL CARRIER PROTEIN, PROTEIN TRANSPORT, PHOSPHOPANTETHEINE' 
# 
loop_
_struct_asym.id 
_struct_asym.pdbx_blank_PDB_chainid_flag 
_struct_asym.pdbx_modified 
_struct_asym.entity_id 
_struct_asym.details 
A N N 1 ? 
B N N 2 ? 
# 
_struct_biol.id   1 
# 
loop_
_struct_conf.conf_type_id 
_struct_conf.id 
_struct_conf.pdbx_PDB_helix_id 
_struct_conf.beg_label_comp_id 
_struct_conf.beg_label_asym_id 
_struct_conf.beg_label_seq_id 
_struct_conf.pdbx_beg_PDB_ins_code 
_struct_conf.end_label_comp_id 
_struct_conf.end_label_asym_id 
_struct_conf.end_label_seq_id 
_struct_conf.pdbx_end_PDB_ins_code 
_struct_conf.beg_auth_comp_id 
_struct_conf.beg_auth_asym_id 
_struct_conf.beg_auth_seq_id 
_struct_conf.end_auth_comp_id 
_struct_conf.end_auth_asym_id 
_struct_conf.end_auth_seq_id 
_struct_conf.pdbx_PDB_helix_class 
_struct_conf.details 
_struct_conf.pdbx_PDB_helix_length 
HELX_P HELX_P1 1 ALA A 26 ? ARG A 40 ? ALA A 0  ARG A 14 1 ? 15 
HELX_P HELX_P2 2 ASP A 58 ? ASP A 74 ? ASP A 32 ASP A 48 1 ? 17 
HELX_P HELX_P3 3 SER A 78 ? ILE A 85 ? SER A 52 ILE A 59 1 ? 8  
HELX_P HELX_P4 4 THR A 87 ? VAL A 97 ? THR A 61 VAL A 71 1 ? 11 
# 
_struct_conf_type.id          HELX_P 
_struct_conf_type.criteria    ? 
_struct_conf_type.reference   ? 
# 
_atom_sites.entry_id                    2CGQ 
_atom_sites.fract_transf_matrix[1][1]   0.02481939 
_atom_sites.fract_transf_matrix[1][2]   -0.00477235 
_atom_sites.fract_transf_matrix[1][3]   0.00363370 
_atom_sites.fract_transf_matrix[2][1]   0.01705682 
_atom_sites.fract_transf_matrix[2][2]   0.01889903 
_atom_sites.fract_transf_matrix[2][3]   -0.00196891 
_atom_sites.fract_transf_matrix[3][1]   -0.00134337 
_atom_sites.fract_transf_matrix[3][2]   0.00251206 
_atom_sites.fract_transf_matrix[3][3]   0.01247488 
_atom_sites.fract_transf_vector[1]      0.453079 
_atom_sites.fract_transf_vector[2]      0.361690 
_atom_sites.fract_transf_vector[3]      0.333282 
# 
loop_
_atom_type.symbol 
C 
N 
O 
S 
# 
loop_
_atom_site.group_PDB 
_atom_site.id 
_atom_site.type_symbol 
_atom_site.label_atom_id 
_atom_site.label_alt_id 
_atom_site.label_comp_id 
_atom_site.label_asym_id 
_atom_site.label_entity_id 
_atom_site.label_seq_id 
_atom_site.pdbx_PDB_ins_code 
_atom_site.Cartn_x 
_atom_site.Cartn_y 
_atom_site.Cartn_z 
_atom_site.occupancy 
_atom_site.B_iso_or_equiv 
_atom_site.pdbx_formal_charge 
_atom_site.auth_seq_id 
_atom_site.auth_comp_id 
_atom_site.auth_asym_id 
_atom_site.auth_atom_id 
_atom_site.pdbx_PDB_model_num 
ATOM   1   N N   . ALA A 1 26 ? -10.433 -3.637  -8.513  1.00 40.22 ? 0    ALA A N   1 
ATOM   2   C CA  . ALA A 1 26 ? -11.292 -2.402  -8.375  1.00 39.84 ? 0    ALA A CA  1 
ATOM   3   C C   . ALA A 1 26 ? -10.799 -1.554  -7.223  1.00 39.93 ? 0    ALA A C   1 
ATOM   4   O O   . ALA A 1 26 ? -10.187 -0.484  -7.434  1.00 39.61 ? 0    ALA A O   1 
ATOM   5   C CB  . ALA A 1 26 ? -12.701 -2.768  -8.165  1.00 40.15 ? 0    ALA A CB  1 
ATOM   6   N N   . MET A 1 27 ? -11.061 -2.024  -5.999  1.00 39.04 ? 1    MET A N   1 
ATOM   7   C CA  . MET A 1 27 ? -10.304 -1.537  -4.846  1.00 37.76 ? 1    MET A CA  1 
ATOM   8   C C   . MET A 1 27 ? -8.825  -1.846  -5.091  1.00 35.08 ? 1    MET A C   1 
ATOM   9   O O   . MET A 1 27 ? -7.930  -1.027  -4.858  1.00 32.12 ? 1    MET A O   1 
ATOM   10  C CB  . MET A 1 27 ? -10.786 -2.213  -3.569  1.00 38.24 ? 1    MET A CB  1 
ATOM   11  C CG  . MET A 1 27 ? -9.952  -1.878  -2.295  1.00 39.01 ? 1    MET A CG  1 
ATOM   12  S SD  . MET A 1 27 ? -10.138 -3.015  -0.877  1.00 44.30 ? 1    MET A SD  1 
ATOM   13  C CE  . MET A 1 27 ? -8.783  -4.186  -1.196  1.00 43.54 ? 1    MET A CE  1 
ATOM   14  N N   . GLU A 1 28 ? -8.560  -3.051  -5.536  1.00 34.09 ? 2    GLU A N   1 
ATOM   15  C CA  . GLU A 1 28 ? -7.184  -3.462  -5.785  1.00 35.67 ? 2    GLU A CA  1 
ATOM   16  C C   . GLU A 1 28 ? -6.518  -2.655  -6.873  1.00 34.54 ? 2    GLU A C   1 
ATOM   17  O O   . GLU A 1 28 ? -5.343  -2.314  -6.730  1.00 34.69 ? 2    GLU A O   1 
ATOM   18  C CB  . GLU A 1 28 ? -7.106  -4.941  -6.136  1.00 35.60 ? 2    GLU A CB  1 
ATOM   19  C CG  . GLU A 1 28 ? -7.158  -5.835  -4.935  1.00 36.95 ? 2    GLU A CG  1 
ATOM   20  C CD  . GLU A 1 28 ? -7.063  -7.298  -5.301  1.00 40.18 ? 2    GLU A CD  1 
ATOM   21  O OE1 . GLU A 1 28 ? -6.403  -7.667  -6.335  1.00 45.76 ? 2    GLU A OE1 1 
ATOM   22  O OE2 . GLU A 1 28 ? -7.649  -8.081  -4.535  1.00 44.97 ? 2    GLU A OE2 1 
ATOM   23  N N   . GLU A 1 29 ? -7.248  -2.376  -7.956  1.00 33.91 ? 3    GLU A N   1 
ATOM   24  C CA  . GLU A 1 29 ? -6.720  -1.555  -9.055  1.00 34.01 ? 3    GLU A CA  1 
ATOM   25  C C   . GLU A 1 29 ? -6.348  -0.160  -8.588  1.00 32.84 ? 3    GLU A C   1 
ATOM   26  O O   . GLU A 1 29 ? -5.332  0.394   -9.006  1.00 31.44 ? 3    GLU A O   1 
ATOM   27  C CB  . GLU A 1 29 ? -7.722  -1.452  -10.210 1.00 35.32 ? 3    GLU A CB  1 
ATOM   28  C CG  . GLU A 1 29 ? -7.729  -2.692  -11.076 1.00 37.14 ? 3    GLU A CG  1 
ATOM   29  C CD  . GLU A 1 29 ? -8.788  -2.602  -12.167 1.00 38.46 ? 3    GLU A CD  1 
ATOM   30  O OE1 . GLU A 1 29 ? -9.769  -3.394  -12.114 1.00 43.40 ? 3    GLU A OE1 1 
ATOM   31  O OE2 . GLU A 1 29 ? -8.669  -1.679  -13.018 1.00 42.90 ? 3    GLU A OE2 1 
ATOM   32  N N   . ALA A 1 30 ? -7.194  0.419   -7.745  1.00 31.05 ? 4    ALA A N   1 
ATOM   33  C CA  . ALA A 1 30 ? -6.914  1.719   -7.153  1.00 30.61 ? 4    ALA A CA  1 
ATOM   34  C C   . ALA A 1 30 ? -5.702  1.687   -6.251  1.00 29.35 ? 4    ALA A C   1 
ATOM   35  O O   . ALA A 1 30 ? -4.877  2.608   -6.256  1.00 28.44 ? 4    ALA A O   1 
ATOM   36  C CB  . ALA A 1 30 ? -8.103  2.200   -6.388  1.00 30.07 ? 4    ALA A CB  1 
ATOM   37  N N   . ILE A 1 31 ? -5.555  0.618   -5.463  1.00 28.82 ? 5    ILE A N   1 
ATOM   38  C CA  . ILE A 1 31 ? -4.385  0.545   -4.585  1.00 28.91 ? 5    ILE A CA  1 
ATOM   39  C C   . ILE A 1 31 ? -3.132  0.427   -5.438  1.00 28.81 ? 5    ILE A C   1 
ATOM   40  O O   . ILE A 1 31 ? -2.112  1.061   -5.138  1.00 30.20 ? 5    ILE A O   1 
ATOM   41  C CB  . ILE A 1 31 ? -4.521  -0.592  -3.553  1.00 27.74 ? 5    ILE A CB  1 
ATOM   42  C CG1 . ILE A 1 31 ? -5.661  -0.245  -2.572  1.00 28.72 ? 5    ILE A CG1 1 
ATOM   43  C CG2 . ILE A 1 31 ? -3.207  -0.840  -2.863  1.00 28.14 ? 5    ILE A CG2 1 
ATOM   44  C CD1 . ILE A 1 31 ? -6.098  -1.447  -1.701  1.00 28.15 ? 5    ILE A CD1 1 
ATOM   45  N N   . ASN A 1 32 ? -3.200  -0.377  -6.508  1.00 30.61 ? 6    ASN A N   1 
ATOM   46  C CA  . ASN A 1 32 ? -2.068  -0.533  -7.431  1.00 29.06 ? 6    ASN A CA  1 
ATOM   47  C C   . ASN A 1 32 ? -1.690  0.781   -8.050  1.00 29.74 ? 6    ASN A C   1 
ATOM   48  O O   . ASN A 1 32 ? -0.503  1.114   -8.126  1.00 29.75 ? 6    ASN A O   1 
ATOM   49  C CB  . ASN A 1 32 ? -2.372  -1.535  -8.543  1.00 30.01 ? 6    ASN A CB  1 
ATOM   50  C CG  . ASN A 1 32 ? -2.572  -2.927  -8.038  1.00 28.26 ? 6    ASN A CG  1 
ATOM   51  O OD1 . ASN A 1 32 ? -2.203  -3.274  -6.887  1.00 27.51 ? 6    ASN A OD1 1 
ATOM   52  N ND2 . ASN A 1 32 ? -3.132  -3.772  -8.905  1.00 27.15 ? 6    ASN A ND2 1 
ATOM   53  N N   . ALA A 1 33 ? -2.687  1.542   -8.494  1.00 29.26 ? 7    ALA A N   1 
ATOM   54  C CA  . ALA A 1 33 ? -2.429  2.875   -9.091  1.00 28.39 ? 7    ALA A CA  1 
ATOM   55  C C   . ALA A 1 33 ? -1.707  3.794   -8.091  1.00 28.66 ? 7    ALA A C   1 
ATOM   56  O O   . ALA A 1 33 ? -0.786  4.503   -8.495  1.00 27.83 ? 7    ALA A O   1 
ATOM   57  C CB  . ALA A 1 33 ? -3.720  3.504   -9.542  1.00 28.04 ? 7    ALA A CB  1 
ATOM   58  N N   . THR A 1 34 ? -2.116  3.771   -6.817  1.00 28.08 ? 8    THR A N   1 
ATOM   59  C CA  . THR A 1 34 ? -1.487  4.613   -5.781  1.00 27.82 ? 8    THR A CA  1 
ATOM   60  C C   . THR A 1 34 ? -0.040  4.166   -5.570  1.00 26.36 ? 8    THR A C   1 
ATOM   61  O O   . THR A 1 34 ? 0.905   4.985   -5.471  1.00 25.24 ? 8    THR A O   1 
ATOM   62  C CB  . THR A 1 34 ? -2.333  4.543   -4.487  1.00 28.23 ? 8    THR A CB  1 
ATOM   63  O OG1 . THR A 1 34 ? -3.626  5.167   -4.784  1.00 30.92 ? 8    THR A OG1 1 
ATOM   64  C CG2 . THR A 1 34 ? -1.634  5.244   -3.302  1.00 27.47 ? 8    THR A CG2 1 
ATOM   65  N N   . ILE A 1 35 ? 0.146   2.853   -5.462  1.00 26.23 ? 9    ILE A N   1 
ATOM   66  C CA  . ILE A 1 35 ? 1.498   2.296   -5.385  1.00 25.64 ? 9    ILE A CA  1 
ATOM   67  C C   . ILE A 1 35 ? 2.367   2.752   -6.568  1.00 26.98 ? 9    ILE A C   1 
ATOM   68  O O   . ILE A 1 35 ? 3.488   3.212   -6.413  1.00 26.13 ? 9    ILE A O   1 
ATOM   69  C CB  . ILE A 1 35 ? 1.443   0.757   -5.291  1.00 25.70 ? 9    ILE A CB  1 
ATOM   70  C CG1 . ILE A 1 35 ? 0.931   0.360   -3.894  1.00 24.52 ? 9    ILE A CG1 1 
ATOM   71  C CG2 . ILE A 1 35 ? 2.821   0.201   -5.584  1.00 26.61 ? 9    ILE A CG2 1 
ATOM   72  C CD1 . ILE A 1 35 ? 0.634   -1.204  -3.712  1.00 25.50 ? 9    ILE A CD1 1 
ATOM   73  N N   . GLN A 1 36 ? 1.830   2.626   -7.774  1.00 28.17 ? 10   GLN A N   1 
ATOM   74  C CA  . GLN A 1 36 ? 2.548   3.103   -8.951  1.00 28.54 ? 10   GLN A CA  1 
ATOM   75  C C   . GLN A 1 36 ? 2.839   4.595   -8.943  1.00 29.22 ? 10   GLN A C   1 
ATOM   76  O O   . GLN A 1 36 ? 3.923   5.007   -9.378  1.00 29.54 ? 10   GLN A O   1 
ATOM   77  C CB  . GLN A 1 36 ? 1.797   2.706   -10.211 1.00 30.02 ? 10   GLN A CB  1 
ATOM   78  C CG  . GLN A 1 36 ? 1.796   1.196   -10.466 1.00 30.50 ? 10   GLN A CG  1 
ATOM   79  C CD  . GLN A 1 36 ? 0.892   0.811   -11.600 1.00 30.30 ? 10   GLN A CD  1 
ATOM   80  O OE1 . GLN A 1 36 ? -0.138  1.459   -11.806 1.00 32.86 ? 10   GLN A OE1 1 
ATOM   81  N NE2 . GLN A 1 36 ? 1.274   -0.234  -12.372 1.00 30.53 ? 10   GLN A NE2 1 
ATOM   82  N N   . ARG A 1 37 ? 1.881   5.406   -8.491  1.00 29.46 ? 11   ARG A N   1 
ATOM   83  C CA  . ARG A 1 37 ? 2.072   6.851   -8.448  1.00 29.79 ? 11   ARG A CA  1 
ATOM   84  C C   . ARG A 1 37 ? 3.252   7.176   -7.498  1.00 29.64 ? 11   ARG A C   1 
ATOM   85  O O   . ARG A 1 37 ? 4.170   7.918   -7.846  1.00 28.31 ? 11   ARG A O   1 
ATOM   86  C CB  . ARG A 1 37 ? 0.769   7.490   -7.964  1.00 30.65 ? 11   ARG A CB  1 
ATOM   87  C CG  . ARG A 1 37 ? 0.344   8.806   -8.459  1.00 32.53 ? 11   ARG A CG  1 
ATOM   88  C CD  . ARG A 1 37 ? -0.540  9.530   -7.412  1.00 33.15 ? 11   ARG A CD  1 
ATOM   89  N NE  . ARG A 1 37 ? 0.202   9.596   -6.131  1.00 36.40 ? 11   ARG A NE  1 
ATOM   90  C CZ  . ARG A 1 37 ? 1.077   10.552  -5.783  1.00 35.52 ? 11   ARG A CZ  1 
ATOM   91  N NH1 . ARG A 1 37 ? 1.301   11.560  -6.569  1.00 31.53 ? 11   ARG A NH1 1 
ATOM   92  N NH2 . ARG A 1 37 ? 1.788   10.423  -4.655  1.00 36.57 ? 11   ARG A NH2 1 
ATOM   93  N N   . ILE A 1 38 ? 3.225   6.594   -6.303  1.00 28.60 ? 12   ILE A N   1 
ATOM   94  C CA  . ILE A 1 38 ? 4.287   6.814   -5.301  1.00 28.66 ? 12   ILE A CA  1 
ATOM   95  C C   . ILE A 1 38 ? 5.655   6.364   -5.759  1.00 28.37 ? 12   ILE A C   1 
ATOM   96  O O   . ILE A 1 38 ? 6.649   7.091   -5.574  1.00 29.01 ? 12   ILE A O   1 
ATOM   97  C CB  . ILE A 1 38 ? 3.933   6.145   -3.933  1.00 29.28 ? 12   ILE A CB  1 
ATOM   98  C CG1 . ILE A 1 38 ? 2.754   6.879   -3.327  1.00 28.36 ? 12   ILE A CG1 1 
ATOM   99  C CG2 . ILE A 1 38 ? 5.145   6.112   -2.946  1.00 28.46 ? 12   ILE A CG2 1 
ATOM   100 C CD1 . ILE A 1 38 ? 2.086   6.070   -2.208  1.00 28.70 ? 12   ILE A CD1 1 
ATOM   101 N N   . LEU A 1 39 ? 5.744   5.223   -6.399  1.00 29.33 ? 13   LEU A N   1 
ATOM   102 C CA  . LEU A 1 39 ? 7.025   4.719   -6.853  1.00 29.46 ? 13   LEU A CA  1 
ATOM   103 C C   . LEU A 1 39 ? 7.414   5.267   -8.246  1.00 30.28 ? 13   LEU A C   1 
ATOM   104 O O   . LEU A 1 39 ? 8.543   5.030   -8.705  1.00 29.26 ? 13   LEU A O   1 
ATOM   105 C CB  . LEU A 1 39 ? 7.020   3.225   -6.957  1.00 30.09 ? 13   LEU A CB  1 
ATOM   106 C CG  . LEU A 1 39 ? 6.717   2.377   -5.728  1.00 28.80 ? 13   LEU A CG  1 
ATOM   107 C CD1 . LEU A 1 39 ? 6.546   0.972   -6.174  1.00 31.37 ? 13   LEU A CD1 1 
ATOM   108 C CD2 . LEU A 1 39 ? 7.852   2.508   -4.751  1.00 30.56 ? 13   LEU A CD2 1 
ATOM   109 N N   . ARG A 1 40 ? 6.501   5.977   -8.926  1.00 30.54 ? 14   ARG A N   1 
ATOM   110 C CA  . ARG A 1 40 ? 6.771   6.412   -10.301 1.00 30.58 ? 14   ARG A CA  1 
ATOM   111 C C   . ARG A 1 40 ? 7.181   5.258   -11.227 1.00 31.00 ? 14   ARG A C   1 
ATOM   112 O O   . ARG A 1 40 ? 8.185   5.336   -11.962 1.00 31.39 ? 14   ARG A O   1 
ATOM   113 C CB  . ARG A 1 40 ? 7.857   7.478   -10.278 1.00 30.95 ? 14   ARG A CB  1 
ATOM   114 C CG  . ARG A 1 40 ? 7.388   8.684   -9.566  1.00 31.76 ? 14   ARG A CG  1 
ATOM   115 C CD  . ARG A 1 40 ? 8.463   9.666   -9.485  1.00 36.75 ? 14   ARG A CD  1 
ATOM   116 N NE  . ARG A 1 40 ? 8.142   10.549  -8.384  1.00 42.45 ? 14   ARG A NE  1 
ATOM   117 C CZ  . ARG A 1 40 ? 8.329   11.842  -8.397  1.00 37.80 ? 14   ARG A CZ  1 
ATOM   118 N NH1 . ARG A 1 40 ? 7.986   12.541  -7.340  1.00 35.20 ? 14   ARG A NH1 1 
ATOM   119 N NH2 . ARG A 1 40 ? 8.850   12.450  -9.465  1.00 43.43 ? 14   ARG A NH2 1 
ATOM   120 N N   . THR A 1 41 ? 6.385   4.211   -11.240 1.00 30.69 ? 15   THR A N   1 
ATOM   121 C CA  . THR A 1 41 ? 6.644   3.055   -12.108 1.00 32.54 ? 15   THR A CA  1 
ATOM   122 C C   . THR A 1 41 ? 5.371   2.638   -12.815 1.00 32.94 ? 15   THR A C   1 
ATOM   123 O O   . THR A 1 41 ? 4.283   2.979   -12.374 1.00 33.35 ? 15   THR A O   1 
ATOM   124 C CB  . THR A 1 41 ? 7.207   1.892   -11.299 1.00 33.48 ? 15   THR A CB  1 
ATOM   125 O OG1 . THR A 1 41 ? 7.493   0.798   -12.165 1.00 35.15 ? 15   THR A OG1 1 
ATOM   126 C CG2 . THR A 1 41 ? 6.214   1.405   -10.261 1.00 32.67 ? 15   THR A CG2 1 
ATOM   127 N N   . ASP A 1 42 ? 5.519   1.952   -13.937 1.00 32.08 ? 16   ASP A N   1 
ATOM   128 C CA  . ASP A 1 42 ? 4.380   1.350   -14.641 1.00 33.05 ? 16   ASP A CA  1 
ATOM   129 C C   . ASP A 1 42 ? 4.439   -0.161  -14.538 1.00 33.07 ? 16   ASP A C   1 
ATOM   130 O O   . ASP A 1 42 ? 3.643   -0.874  -15.184 1.00 32.99 ? 16   ASP A O   1 
ATOM   131 C CB  . ASP A 1 42 ? 4.361   1.759   -16.114 1.00 33.87 ? 16   ASP A CB  1 
ATOM   132 C CG  . ASP A 1 42 ? 5.672   1.432   -16.836 1.00 37.82 ? 16   ASP A CG  1 
ATOM   133 O OD1 . ASP A 1 42 ? 5.813   1.775   -18.047 1.00 41.40 ? 16   ASP A OD1 1 
ATOM   134 O OD2 . ASP A 1 42 ? 6.587   0.877   -16.179 1.00 44.13 ? 16   ASP A OD2 1 
ATOM   135 N N   . ARG A 1 43 ? 5.394   -0.672  -13.759 1.00 32.25 ? 17   ARG A N   1 
ATOM   136 C CA  . ARG A 1 43 ? 5.476   -2.105  -13.570 1.00 32.70 ? 17   ARG A CA  1 
ATOM   137 C C   . ARG A 1 43 ? 4.193   -2.653  -12.977 1.00 31.37 ? 17   ARG A C   1 
ATOM   138 O O   . ARG A 1 43 ? 3.528   -1.990  -12.169 1.00 30.88 ? 17   ARG A O   1 
ATOM   139 C CB  . ARG A 1 43 ? 6.661   -2.469  -12.681 1.00 32.85 ? 17   ARG A CB  1 
ATOM   140 C CG  . ARG A 1 43 ? 6.554   -2.080  -11.274 1.00 38.36 ? 17   ARG A CG  1 
ATOM   141 C CD  . ARG A 1 43 ? 7.891   -2.358  -10.528 1.00 38.94 ? 17   ARG A CD  1 
ATOM   142 N NE  . ARG A 1 43 ? 8.132   -3.803  -10.372 1.00 42.05 ? 17   ARG A NE  1 
ATOM   143 C CZ  . ARG A 1 43 ? 9.157   -4.311  -9.673  1.00 42.19 ? 17   ARG A CZ  1 
ATOM   144 N NH1 . ARG A 1 43 ? 9.297   -5.624  -9.547  1.00 43.11 ? 17   ARG A NH1 1 
ATOM   145 N NH2 . ARG A 1 43 ? 10.027  -3.505  -9.071  1.00 45.44 ? 17   ARG A NH2 1 
ATOM   146 N N   . GLY A 1 44 ? 3.855   -3.874  -13.361 1.00 29.56 ? 18   GLY A N   1 
ATOM   147 C CA  . GLY A 1 44 ? 2.707   -4.541  -12.795 1.00 28.83 ? 18   GLY A CA  1 
ATOM   148 C C   . GLY A 1 44 ? 2.865   -4.794  -11.296 1.00 28.36 ? 18   GLY A C   1 
ATOM   149 O O   . GLY A 1 44 ? 3.958   -5.127  -10.800 1.00 28.06 ? 18   GLY A O   1 
ATOM   150 N N   . ILE A 1 45 ? 1.761   -4.638  -10.572 1.00 26.70 ? 19   ILE A N   1 
ATOM   151 C CA  . ILE A 1 45 ? 1.735   -4.823  -9.107  1.00 26.39 ? 19   ILE A CA  1 
ATOM   152 C C   . ILE A 1 45 ? 0.921   -6.050  -8.753  1.00 25.54 ? 19   ILE A C   1 
ATOM   153 O O   . ILE A 1 45 ? -0.205  -6.161  -9.194  1.00 25.76 ? 19   ILE A O   1 
ATOM   154 C CB  . ILE A 1 45 ? 1.085   -3.578  -8.411  1.00 25.84 ? 19   ILE A CB  1 
ATOM   155 C CG1 . ILE A 1 45 ? 1.800   -2.269  -8.821  1.00 27.67 ? 19   ILE A CG1 1 
ATOM   156 C CG2 . ILE A 1 45 ? 1.095   -3.740  -6.923  1.00 25.28 ? 19   ILE A CG2 1 
ATOM   157 C CD1 . ILE A 1 45 ? 3.301   -2.207  -8.542  1.00 29.76 ? 19   ILE A CD1 1 
ATOM   158 N N   . THR A 1 46 ? 1.471   -6.961  -7.954  1.00 24.48 ? 20   THR A N   1 
ATOM   159 C CA  . THR A 1 46 ? 0.774   -8.187  -7.568  1.00 25.00 ? 20   THR A CA  1 
ATOM   160 C C   . THR A 1 46 ? 0.862   -8.425  -6.078  1.00 23.12 ? 20   THR A C   1 
ATOM   161 O O   . THR A 1 46 ? 1.799   -7.978  -5.434  1.00 24.51 ? 20   THR A O   1 
ATOM   162 C CB  . THR A 1 46 ? 1.350   -9.414  -8.341  1.00 24.76 ? 20   THR A CB  1 
ATOM   163 O OG1 . THR A 1 46 ? 2.784   -9.504  -8.133  1.00 25.74 ? 20   THR A OG1 1 
ATOM   164 C CG2 . THR A 1 46 ? 1.039   -9.242  -9.815  1.00 27.20 ? 20   THR A CG2 1 
ATOM   165 N N   . ALA A 1 47 ? -0.126  -9.152  -5.533  1.00 24.07 ? 21   ALA A N   1 
ATOM   166 C CA  . ALA A 1 47 ? -0.286  -9.298  -4.128  1.00 23.60 ? 21   ALA A CA  1 
ATOM   167 C C   . ALA A 1 47 ? 0.875   -9.953  -3.394  1.00 24.21 ? 21   ALA A C   1 
ATOM   168 O O   . ALA A 1 47 ? 1.052   -9.710  -2.228  1.00 24.96 ? 21   ALA A O   1 
ATOM   169 C CB  . ALA A 1 47 ? -1.572  -10.027 -3.834  1.00 24.87 ? 21   ALA A CB  1 
ATOM   170 N N   . ASN A 1 48 ? 1.680   -10.769 -4.097  1.00 23.99 ? 22   ASN A N   1 
ATOM   171 C CA  . ASN A 1 48 ? 2.868   -11.424 -3.508  1.00 23.08 ? 22   ASN A CA  1 
ATOM   172 C C   . ASN A 1 48 ? 4.094   -10.535 -3.350  1.00 23.98 ? 22   ASN A C   1 
ATOM   173 O O   . ASN A 1 48 ? 5.032   -10.892 -2.606  1.00 24.77 ? 22   ASN A O   1 
ATOM   174 C CB  . ASN A 1 48 ? 3.239   -12.642 -4.366  1.00 22.31 ? 22   ASN A CB  1 
ATOM   175 C CG  . ASN A 1 48 ? 3.673   -12.228 -5.714  1.00 26.27 ? 22   ASN A CG  1 
ATOM   176 O OD1 . ASN A 1 48 ? 2.940   -11.504 -6.402  1.00 26.33 ? 22   ASN A OD1 1 
ATOM   177 N ND2 . ASN A 1 48 ? 4.883   -12.644 -6.114  1.00 23.12 ? 22   ASN A ND2 1 
ATOM   178 N N   . GLN A 1 49 ? 4.107   -9.373  -3.989  1.00 25.01 ? 23   GLN A N   1 
ATOM   179 C CA  . GLN A 1 49 ? 5.292   -8.495  -3.962  1.00 25.83 ? 23   GLN A CA  1 
ATOM   180 C C   . GLN A 1 49 ? 5.553   -7.930  -2.593  1.00 26.48 ? 23   GLN A C   1 
ATOM   181 O O   . GLN A 1 49 ? 4.649   -7.360  -1.948  1.00 27.33 ? 23   GLN A O   1 
ATOM   182 C CB  . GLN A 1 49 ? 5.199   -7.367  -4.996  1.00 24.56 ? 23   GLN A CB  1 
ATOM   183 C CG  . GLN A 1 49 ? 5.319   -7.871  -6.412  1.00 27.01 ? 23   GLN A CG  1 
ATOM   184 C CD  . GLN A 1 49 ? 4.949   -6.797  -7.462  1.00 27.28 ? 23   GLN A CD  1 
ATOM   185 O OE1 . GLN A 1 49 ? 4.056   -5.995  -7.247  1.00 29.81 ? 23   GLN A OE1 1 
ATOM   186 N NE2 . GLN A 1 49 ? 5.615   -6.829  -8.593  1.00 28.77 ? 23   GLN A NE2 1 
ATOM   187 N N   . VAL A 1 50 ? 6.793   -8.130  -2.150  1.00 26.46 ? 24   VAL A N   1 
ATOM   188 C CA  . VAL A 1 50 ? 7.311   -7.551  -0.919  1.00 25.95 ? 24   VAL A CA  1 
ATOM   189 C C   . VAL A 1 50 ? 7.597   -6.068  -1.147  1.00 26.31 ? 24   VAL A C   1 
ATOM   190 O O   . VAL A 1 50 ? 8.367   -5.724  -2.043  1.00 26.04 ? 24   VAL A O   1 
ATOM   191 C CB  . VAL A 1 50 ? 8.548   -8.319  -0.430  1.00 24.96 ? 24   VAL A CB  1 
ATOM   192 C CG1 . VAL A 1 50 ? 9.005   -7.791  0.856   1.00 25.64 ? 24   VAL A CG1 1 
ATOM   193 C CG2 . VAL A 1 50 ? 8.217   -9.805  -0.247  1.00 26.46 ? 24   VAL A CG2 1 
ATOM   194 N N   . LEU A 1 51 ? 6.996   -5.194  -0.346  1.00 26.91 ? 25   LEU A N   1 
ATOM   195 C CA  . LEU A 1 51 ? 7.035   -3.734  -0.618  1.00 27.14 ? 25   LEU A CA  1 
ATOM   196 C C   . LEU A 1 51 ? 8.458   -3.219  -0.681  1.00 27.59 ? 25   LEU A C   1 
ATOM   197 O O   . LEU A 1 51 ? 8.867   -2.563  -1.647  1.00 28.38 ? 25   LEU A O   1 
ATOM   198 C CB  . LEU A 1 51 ? 6.238   -2.937  0.415   1.00 27.71 ? 25   LEU A CB  1 
ATOM   199 C CG  . LEU A 1 51 ? 4.737   -3.198  0.415   1.00 28.83 ? 25   LEU A CG  1 
ATOM   200 C CD1 . LEU A 1 51 ? 4.128   -2.260  1.457   1.00 28.71 ? 25   LEU A CD1 1 
ATOM   201 C CD2 . LEU A 1 51 ? 4.083   -2.955  -0.901  1.00 31.54 ? 25   LEU A CD2 1 
ATOM   202 N N   . VAL A 1 52 ? 9.231   -3.605  0.298   1.00 28.02 ? 26   VAL A N   1 
ATOM   203 C CA  . VAL A 1 52 ? 10.653  -3.236  0.325   1.00 28.85 ? 26   VAL A CA  1 
ATOM   204 C C   . VAL A 1 52 ? 11.468  -4.036  -0.687  1.00 27.98 ? 26   VAL A C   1 
ATOM   205 O O   . VAL A 1 52 ? 12.013  -3.443  -1.606  1.00 28.40 ? 26   VAL A O   1 
ATOM   206 C CB  . VAL A 1 52 ? 11.274  -3.396  1.720   1.00 27.93 ? 26   VAL A CB  1 
ATOM   207 C CG1 . VAL A 1 52 ? 12.751  -3.003  1.670   1.00 30.94 ? 26   VAL A CG1 1 
ATOM   208 C CG2 . VAL A 1 52 ? 10.558  -2.516  2.719   1.00 31.21 ? 26   VAL A CG2 1 
ATOM   209 N N   . ASP A 1 53 ? 11.541  -5.362  -0.528  1.00 27.57 ? 27   ASP A N   1 
ATOM   210 C CA  . ASP A 1 53 ? 12.495  -6.176  -1.292  1.00 28.49 ? 27   ASP A CA  1 
ATOM   211 C C   . ASP A 1 53 ? 12.223  -6.198  -2.780  1.00 28.58 ? 27   ASP A C   1 
ATOM   212 O O   . ASP A 1 53 ? 13.162  -6.196  -3.595  1.00 28.60 ? 27   ASP A O   1 
ATOM   213 C CB  . ASP A 1 53 ? 12.521  -7.624  -0.840  1.00 28.78 ? 27   ASP A CB  1 
ATOM   214 C CG  . ASP A 1 53 ? 12.727  -7.808  0.655   1.00 33.94 ? 27   ASP A CG  1 
ATOM   215 O OD1 . ASP A 1 53 ? 12.619  -6.827  1.445   1.00 35.72 ? 27   ASP A OD1 1 
ATOM   216 O OD2 . ASP A 1 53 ? 12.881  -9.010  1.037   1.00 36.07 ? 27   ASP A OD2 1 
ATOM   217 N N   . ASP A 1 54 ? 10.945  -6.228  -3.154  1.00 27.38 ? 28   ASP A N   1 
ATOM   218 C CA  . ASP A 1 54 ? 10.547  -6.303  -4.564  1.00 27.93 ? 28   ASP A CA  1 
ATOM   219 C C   . ASP A 1 54 ? 10.290  -4.970  -5.250  1.00 27.95 ? 28   ASP A C   1 
ATOM   220 O O   . ASP A 1 54 ? 10.673  -4.801  -6.404  1.00 27.53 ? 28   ASP A O   1 
ATOM   221 C CB  . ASP A 1 54 ? 9.320   -7.217  -4.738  1.00 27.84 ? 28   ASP A CB  1 
ATOM   222 C CG  . ASP A 1 54 ? 9.618   -8.677  -4.383  1.00 28.69 ? 28   ASP A CG  1 
ATOM   223 O OD1 . ASP A 1 54 ? 10.731  -9.174  -4.691  1.00 29.83 ? 28   ASP A OD1 1 
ATOM   224 O OD2 . ASP A 1 54 ? 8.740   -9.363  -3.825  1.00 27.84 ? 28   ASP A OD2 1 
ATOM   225 N N   . LEU A 1 55 ? 9.613   -4.052  -4.559  1.00 27.26 ? 29   LEU A N   1 
ATOM   226 C CA  . LEU A 1 55 ? 9.158   -2.788  -5.160  1.00 28.41 ? 29   LEU A CA  1 
ATOM   227 C C   . LEU A 1 55 ? 10.007  -1.569  -4.824  1.00 28.18 ? 29   LEU A C   1 
ATOM   228 O O   . LEU A 1 55 ? 9.842   -0.500  -5.447  1.00 29.74 ? 29   LEU A O   1 
ATOM   229 C CB  . LEU A 1 55 ? 7.702   -2.530  -4.794  1.00 29.17 ? 29   LEU A CB  1 
ATOM   230 C CG  . LEU A 1 55 ? 6.732   -3.548  -5.365  1.00 27.13 ? 29   LEU A CG  1 
ATOM   231 C CD1 . LEU A 1 55 ? 5.340   -3.305  -4.865  1.00 26.05 ? 29   LEU A CD1 1 
ATOM   232 C CD2 . LEU A 1 55 ? 6.728   -3.455  -6.888  1.00 29.82 ? 29   LEU A CD2 1 
ATOM   233 N N   . GLY A 1 56 ? 10.890  -1.740  -3.844  1.00 28.42 ? 30   GLY A N   1 
ATOM   234 C CA  . GLY A 1 56 ? 11.829  -0.735  -3.400  1.00 29.33 ? 30   GLY A CA  1 
ATOM   235 C C   . GLY A 1 56 ? 11.237  0.372   -2.547  1.00 28.94 ? 30   GLY A C   1 
ATOM   236 O O   . GLY A 1 56 ? 11.726  1.520   -2.556  1.00 28.09 ? 30   GLY A O   1 
ATOM   237 N N   . PHE A 1 57 ? 10.172  0.088   -1.812  1.00 28.43 ? 31   PHE A N   1 
ATOM   238 C CA  . PHE A 1 57 ? 9.695   1.020   -0.806  1.00 28.93 ? 31   PHE A CA  1 
ATOM   239 C C   . PHE A 1 57 ? 10.766  1.235   0.252   1.00 29.49 ? 31   PHE A C   1 
ATOM   240 O O   . PHE A 1 57 ? 11.491  0.320   0.621   1.00 29.44 ? 31   PHE A O   1 
ATOM   241 C CB  . PHE A 1 57 ? 8.401   0.543   -0.106  1.00 29.03 ? 31   PHE A CB  1 
ATOM   242 C CG  . PHE A 1 57 ? 7.142   0.849   -0.870  1.00 26.36 ? 31   PHE A CG  1 
ATOM   243 C CD1 . PHE A 1 57 ? 6.690   0.027   -1.868  1.00 29.86 ? 31   PHE A CD1 1 
ATOM   244 C CD2 . PHE A 1 57 ? 6.427   2.001   -0.603  1.00 30.38 ? 31   PHE A CD2 1 
ATOM   245 C CE1 . PHE A 1 57 ? 5.517   0.329   -2.540  1.00 30.16 ? 31   PHE A CE1 1 
ATOM   246 C CE2 . PHE A 1 57 ? 5.254   2.299   -1.274  1.00 30.98 ? 31   PHE A CE2 1 
ATOM   247 C CZ  . PHE A 1 57 ? 4.825   1.534   -2.249  1.00 27.99 ? 31   PHE A CZ  1 
ATOM   248 N N   . ASP A 1 58 ? 10.849  2.475   0.727   1.00 30.29 ? 32   ASP A N   1 
ATOM   249 C CA  . ASP A 1 58 ? 11.659  2.844   1.850   1.00 30.75 ? 32   ASP A CA  1 
ATOM   250 C C   . ASP A 1 58 ? 10.712  3.446   2.896   1.00 31.35 ? 32   ASP A C   1 
ATOM   251 O O   . ASP A 1 58 ? 9.494   3.428   2.729   1.00 30.48 ? 32   ASP A O   1 
ATOM   252 C CB  . ASP A 1 58 ? 12.799  3.795   1.411   1.00 31.33 ? 32   ASP A CB  1 
ATOM   253 C CG  . ASP A 1 58 ? 12.309  5.064   0.756   1.00 32.91 ? 32   ASP A CG  1 
ATOM   254 O OD1 . ASP A 1 58 ? 11.112  5.346   0.780   1.00 28.49 ? 32   ASP A OD1 1 
ATOM   255 O OD2 . ASP A 1 58 ? 13.148  5.845   0.239   1.00 35.92 ? 32   ASP A OD2 1 
ATOM   256 N N   . SER A 1 59 ? 11.246  3.918   4.009   1.00 30.98 ? 33   SER A N   1 
ATOM   257 C CA  . SER A 1 59 ? 10.367  4.384   5.061   1.00 30.12 ? 33   SER A CA  1 
ATOM   258 C C   . SER A 1 59 ? 9.506   5.576   4.636   1.00 29.09 ? 33   SER A C   1 
ATOM   259 O O   . SER A 1 59 ? 8.338   5.623   4.977   1.00 26.58 ? 33   SER A O   1 
ATOM   260 C CB  . SER A 1 59 ? 11.137  4.716   6.319   1.00 31.88 ? 33   SER A CB  1 
ATOM   261 O OG  . SER A 1 59 ? 12.061  5.727   6.040   1.00 37.94 ? 33   SER A OG  1 
ATOM   262 N N   . LEU A 1 60 ? 10.084  6.510   3.885   1.00 28.51 ? 34   LEU A N   1 
ATOM   263 C CA  . LEU A 1 60 ? 9.309   7.667   3.402   1.00 28.12 ? 34   LEU A CA  1 
ATOM   264 C C   . LEU A 1 60 ? 8.181   7.121   2.499   1.00 27.77 ? 34   LEU A C   1 
ATOM   265 O O   . LEU A 1 60 ? 7.073   7.545   2.621   1.00 25.77 ? 34   LEU A O   1 
ATOM   266 C CB  . LEU A 1 60 ? 10.193  8.603   2.603   1.00 28.53 ? 34   LEU A CB  1 
ATOM   267 C CG  . LEU A 1 60 ? 9.490   9.714   1.803   1.00 29.47 ? 34   LEU A CG  1 
ATOM   268 C CD1 . LEU A 1 60 ? 8.595   10.443  2.683   1.00 28.75 ? 34   LEU A CD1 1 
ATOM   269 C CD2 . LEU A 1 60 ? 10.493  10.606  1.146   1.00 32.10 ? 34   LEU A CD2 1 
ATOM   270 N N   . LYS A 1 61 ? 8.473   6.236   1.544   1.00 26.35 ? 35   LYS A N   1 
ATOM   271 C CA  . LYS A 1 61 ? 7.449   5.861   0.582   1.00 27.82 ? 35   LYS A CA  1 
ATOM   272 C C   . LYS A 1 61 ? 6.371   5.022   1.258   1.00 27.04 ? 35   LYS A C   1 
ATOM   273 O O   . LYS A 1 61 ? 5.202   5.043   0.866   1.00 25.94 ? 35   LYS A O   1 
ATOM   274 C CB  . LYS A 1 61 ? 8.046   5.147   -0.649  1.00 28.54 ? 35   LYS A CB  1 
ATOM   275 C CG  . LYS A 1 61 ? 8.922   6.116   -1.529  1.00 31.02 ? 35   LYS A CG  1 
ATOM   276 C CD  . LYS A 1 61 ? 9.625   5.362   -2.688  1.00 33.10 ? 35   LYS A CD  1 
ATOM   277 C CE  . LYS A 1 61 ? 10.798  6.179   -3.143  1.00 37.29 ? 35   LYS A CE  1 
ATOM   278 N NZ  . LYS A 1 61 ? 11.402  5.910   -4.514  1.00 40.56 ? 35   LYS A NZ  1 
ATOM   279 N N   . LEU A 1 62 ? 6.744   4.277   2.285   1.00 27.66 ? 36   LEU A N   1 
ATOM   280 C CA  . LEU A 1 62 ? 5.720   3.535   3.033   1.00 27.34 ? 36   LEU A CA  1 
ATOM   281 C C   . LEU A 1 62 ? 4.805   4.489   3.795   1.00 26.25 ? 36   LEU A C   1 
ATOM   282 O O   . LEU A 1 62 ? 3.613   4.231   3.895   1.00 26.88 ? 36   LEU A O   1 
ATOM   283 C CB  . LEU A 1 62 ? 6.340   2.591   4.028   1.00 28.48 ? 36   LEU A CB  1 
ATOM   284 C CG  . LEU A 1 62 ? 7.047   1.424   3.362   1.00 29.56 ? 36   LEU A CG  1 
ATOM   285 C CD1 . LEU A 1 62 ? 7.991   0.740   4.370   1.00 34.21 ? 36   LEU A CD1 1 
ATOM   286 C CD2 . LEU A 1 62 ? 6.066   0.501   2.708   1.00 31.99 ? 36   LEU A CD2 1 
ATOM   287 N N   . PHE A 1 63 ? 5.370   5.564   4.366   1.00 26.50 ? 37   PHE A N   1 
ATOM   288 C CA  . PHE A 1 63 ? 4.567   6.583   5.024   1.00 25.92 ? 37   PHE A CA  1 
ATOM   289 C C   . PHE A 1 63 ? 3.615   7.223   4.033   1.00 24.82 ? 37   PHE A C   1 
ATOM   290 O O   . PHE A 1 63 ? 2.463   7.478   4.319   1.00 23.51 ? 37   PHE A O   1 
ATOM   291 C CB  . PHE A 1 63 ? 5.478   7.657   5.654   1.00 26.92 ? 37   PHE A CB  1 
ATOM   292 C CG  . PHE A 1 63 ? 4.743   8.770   6.303   1.00 26.53 ? 37   PHE A CG  1 
ATOM   293 C CD1 . PHE A 1 63 ? 4.193   8.611   7.579   1.00 29.62 ? 37   PHE A CD1 1 
ATOM   294 C CD2 . PHE A 1 63 ? 4.519   9.960   5.630   1.00 27.51 ? 37   PHE A CD2 1 
ATOM   295 C CE1 . PHE A 1 63 ? 3.520   9.639   8.191   1.00 29.36 ? 37   PHE A CE1 1 
ATOM   296 C CE2 . PHE A 1 63 ? 3.783   10.996  6.240   1.00 30.67 ? 37   PHE A CE2 1 
ATOM   297 C CZ  . PHE A 1 63 ? 3.302   10.825  7.523   1.00 28.72 ? 37   PHE A CZ  1 
ATOM   298 N N   . GLN A 1 64 ? 4.128   7.533   2.830   1.00 25.20 ? 38   GLN A N   1 
ATOM   299 C CA  . GLN A 1 64 ? 3.281   8.067   1.777   1.00 25.05 ? 38   GLN A CA  1 
ATOM   300 C C   . GLN A 1 64 ? 2.165   7.099   1.463   1.00 25.26 ? 38   GLN A C   1 
ATOM   301 O O   . GLN A 1 64 ? 1.029   7.506   1.281   1.00 24.41 ? 38   GLN A O   1 
ATOM   302 C CB  . GLN A 1 64 ? 4.071   8.336   0.510   1.00 26.10 ? 38   GLN A CB  1 
ATOM   303 C CG  . GLN A 1 64 ? 4.949   9.527   0.488   1.00 26.38 ? 38   GLN A CG  1 
ATOM   304 C CD  . GLN A 1 64 ? 5.487   9.747   -0.918  1.00 23.77 ? 38   GLN A CD  1 
ATOM   305 O OE1 . GLN A 1 64 ? 6.482   9.192   -1.266  1.00 27.01 ? 38   GLN A OE1 1 
ATOM   306 N NE2 . GLN A 1 64 ? 4.788   10.560  -1.714  1.00 28.90 ? 38   GLN A NE2 1 
ATOM   307 N N   . LEU A 1 65 ? 2.478   5.818   1.327   1.00 25.36 ? 39   LEU A N   1 
ATOM   308 C CA  . LEU A 1 65 ? 1.446   4.853   0.985   1.00 25.42 ? 39   LEU A CA  1 
ATOM   309 C C   . LEU A 1 65 ? 0.324   4.826   2.004   1.00 24.87 ? 39   LEU A C   1 
ATOM   310 O O   . LEU A 1 65 ? -0.854  4.882   1.635   1.00 25.08 ? 39   LEU A O   1 
ATOM   311 C CB  . LEU A 1 65 ? 2.018   3.450   0.796   1.00 25.17 ? 39   LEU A CB  1 
ATOM   312 C CG  . LEU A 1 65 ? 1.071   2.359   0.461   1.00 25.63 ? 39   LEU A CG  1 
ATOM   313 C CD1 . LEU A 1 65 ? 0.416   2.558   -0.862  1.00 29.09 ? 39   LEU A CD1 1 
ATOM   314 C CD2 . LEU A 1 65 ? 1.878   1.053   0.439   1.00 27.42 ? 39   LEU A CD2 1 
ATOM   315 N N   . ILE A 1 66 ? 0.678   4.719   3.267   1.00 25.30 ? 40   ILE A N   1 
ATOM   316 C CA  . ILE A 1 66 ? -0.356  4.637   4.333   1.00 26.32 ? 40   ILE A CA  1 
ATOM   317 C C   . ILE A 1 66 ? -1.236  5.902   4.340   1.00 25.00 ? 40   ILE A C   1 
ATOM   318 O O   . ILE A 1 66 ? -2.452  5.851   4.307   1.00 24.88 ? 40   ILE A O   1 
ATOM   319 C CB  . ILE A 1 66 ? 0.257   4.382   5.710   1.00 27.55 ? 40   ILE A CB  1 
ATOM   320 C CG1 . ILE A 1 66 ? 1.049   3.023   5.729   1.00 28.85 ? 40   ILE A CG1 1 
ATOM   321 C CG2 . ILE A 1 66 ? -0.822  4.371   6.779   1.00 27.07 ? 40   ILE A CG2 1 
ATOM   322 C CD1 . ILE A 1 66 ? 0.267   1.792   5.242   1.00 31.46 ? 40   ILE A CD1 1 
ATOM   323 N N   . THR A 1 67 ? -0.612  7.058   4.354   1.00 25.58 ? 41   THR A N   1 
ATOM   324 C CA  . THR A 1 67 ? -1.323  8.307   4.442   1.00 26.07 ? 41   THR A CA  1 
ATOM   325 C C   . THR A 1 67 ? -2.144  8.586   3.154   1.00 25.61 ? 41   THR A C   1 
ATOM   326 O O   . THR A 1 67 ? -3.307  9.049   3.223   1.00 25.60 ? 41   THR A O   1 
ATOM   327 C CB  . THR A 1 67 ? -0.377  9.449   4.838   1.00 26.42 ? 41   THR A CB  1 
ATOM   328 O OG1 . THR A 1 67 ? 0.660   9.629   3.854   1.00 24.60 ? 41   THR A OG1 1 
ATOM   329 C CG2 . THR A 1 67 ? 0.236   9.217   6.229   1.00 28.13 ? 41   THR A CG2 1 
ATOM   330 N N   . GLU A 1 68 ? -1.543  8.347   1.966   1.00 25.52 ? 42   GLU A N   1 
ATOM   331 C CA  . GLU A 1 68 ? -2.316  8.451   0.714   1.00 25.65 ? 42   GLU A CA  1 
ATOM   332 C C   . GLU A 1 68 ? -3.588  7.589   0.729   1.00 25.12 ? 42   GLU A C   1 
ATOM   333 O O   . GLU A 1 68 ? -4.646  8.029   0.263   1.00 24.52 ? 42   GLU A O   1 
ATOM   334 C CB  A GLU A 1 68 ? -1.450  8.171   -0.527  0.65 25.27 ? 42   GLU A CB  1 
ATOM   335 C CB  B GLU A 1 68 ? -1.481  8.130   -0.523  0.35 25.16 ? 42   GLU A CB  1 
ATOM   336 C CG  A GLU A 1 68 ? -2.101  8.591   -1.849  0.65 27.03 ? 42   GLU A CG  1 
ATOM   337 C CG  B GLU A 1 68 ? -0.555  9.256   -0.857  0.35 25.19 ? 42   GLU A CG  1 
ATOM   338 C CD  A GLU A 1 68 ? -1.122  8.914   -2.994  0.65 27.16 ? 42   GLU A CD  1 
ATOM   339 C CD  B GLU A 1 68 ? 0.263   9.070   -2.118  0.35 25.01 ? 42   GLU A CD  1 
ATOM   340 O OE1 A GLU A 1 68 ? -1.543  8.834   -4.178  0.65 30.61 ? 42   GLU A OE1 1 
ATOM   341 O OE1 B GLU A 1 68 ? -0.155  8.344   -3.054  0.35 27.61 ? 42   GLU A OE1 1 
ATOM   342 O OE2 A GLU A 1 68 ? 0.045   9.269   -2.703  0.65 25.40 ? 42   GLU A OE2 1 
ATOM   343 O OE2 B GLU A 1 68 ? 1.326   9.722   -2.166  0.35 22.57 ? 42   GLU A OE2 1 
ATOM   344 N N   . LEU A 1 69 ? -3.481  6.337   1.156   1.00 25.97 ? 43   LEU A N   1 
ATOM   345 C CA  . LEU A 1 69 ? -4.628  5.461   1.230   1.00 25.55 ? 43   LEU A CA  1 
ATOM   346 C C   . LEU A 1 69 ? -5.641  5.907   2.268   1.00 25.60 ? 43   LEU A C   1 
ATOM   347 O O   . LEU A 1 69 ? -6.862  5.916   2.001   1.00 25.17 ? 43   LEU A O   1 
ATOM   348 C CB  . LEU A 1 69 ? -4.188  4.035   1.544   1.00 26.91 ? 43   LEU A CB  1 
ATOM   349 C CG  . LEU A 1 69 ? -3.368  3.343   0.440   1.00 27.89 ? 43   LEU A CG  1 
ATOM   350 C CD1 . LEU A 1 69 ? -2.908  2.005   0.980   1.00 31.28 ? 43   LEU A CD1 1 
ATOM   351 C CD2 . LEU A 1 69 ? -4.145  3.196   -0.775  1.00 29.24 ? 43   LEU A CD2 1 
ATOM   352 N N   . GLU A 1 70 ? -5.151  6.378   3.422   1.00 25.32 ? 44   GLU A N   1 
ATOM   353 C CA  . GLU A 1 70 ? -6.102  6.957   4.396   1.00 25.59 ? 44   GLU A CA  1 
ATOM   354 C C   . GLU A 1 70 ? -6.897  8.124   3.796   1.00 25.80 ? 44   GLU A C   1 
ATOM   355 O O   . GLU A 1 70 ? -8.128  8.225   3.932   1.00 26.82 ? 44   GLU A O   1 
ATOM   356 C CB  . GLU A 1 70 ? -5.337  7.464   5.641   1.00 26.50 ? 44   GLU A CB  1 
ATOM   357 C CG  . GLU A 1 70 ? -4.762  6.311   6.496   1.00 24.61 ? 44   GLU A CG  1 
ATOM   358 C CD  . GLU A 1 70 ? -4.134  6.801   7.817   1.00 26.21 ? 44   GLU A CD  1 
ATOM   359 O OE1 . GLU A 1 70 ? -3.515  7.909   7.807   1.00 26.93 ? 44   GLU A OE1 1 
ATOM   360 O OE2 . GLU A 1 70 ? -4.225  6.072   8.855   1.00 25.77 ? 44   GLU A OE2 1 
ATOM   361 N N   . ASP A 1 71 ? -6.207  8.989   3.069   1.00 25.72 ? 45   ASP A N   1 
ATOM   362 C CA  . ASP A 1 71 ? -6.898  10.101  2.445   1.00 26.91 ? 45   ASP A CA  1 
ATOM   363 C C   . ASP A 1 71 ? -7.783  9.665   1.267   1.00 27.99 ? 45   ASP A C   1 
ATOM   364 O O   . ASP A 1 71 ? -8.850  10.241  1.046   1.00 28.23 ? 45   ASP A O   1 
ATOM   365 C CB  . ASP A 1 71 ? -5.882  11.143  1.951   1.00 28.26 ? 45   ASP A CB  1 
ATOM   366 C CG  . ASP A 1 71 ? -5.329  12.026  3.086   1.00 28.84 ? 45   ASP A CG  1 
ATOM   367 O OD1 . ASP A 1 71 ? -6.076  12.239  4.074   1.00 25.89 ? 45   ASP A OD1 1 
ATOM   368 O OD2 . ASP A 1 71 ? -4.181  12.530  2.962   1.00 28.20 ? 45   ASP A OD2 1 
ATOM   369 N N   . GLU A 1 72 ? -7.281  8.733   0.459   1.00 28.06 ? 46   GLU A N   1 
ATOM   370 C CA  . GLU A 1 72 ? -7.984  8.282   -0.759  1.00 28.86 ? 46   GLU A CA  1 
ATOM   371 C C   . GLU A 1 72 ? -9.271  7.584   -0.425  1.00 28.67 ? 46   GLU A C   1 
ATOM   372 O O   . GLU A 1 72 ? -10.292 7.774   -1.078  1.00 28.03 ? 46   GLU A O   1 
ATOM   373 C CB  . GLU A 1 72 ? -7.101  7.351   -1.584  1.00 28.40 ? 46   GLU A CB  1 
ATOM   374 C CG  . GLU A 1 72 ? -7.762  6.855   -2.867  1.00 29.87 ? 46   GLU A CG  1 
ATOM   375 C CD  . GLU A 1 72 ? -6.806  6.081   -3.763  1.00 32.30 ? 46   GLU A CD  1 
ATOM   376 O OE1 . GLU A 1 72 ? -7.200  5.797   -4.927  1.00 36.14 ? 46   GLU A OE1 1 
ATOM   377 O OE2 . GLU A 1 72 ? -5.676  5.751   -3.282  1.00 37.51 ? 46   GLU A OE2 1 
ATOM   378 N N   . PHE A 1 73 ? -9.222  6.749   0.587   1.00 27.98 ? 47   PHE A N   1 
ATOM   379 C CA  . PHE A 1 73 ? -10.350 5.896   0.943   1.00 28.55 ? 47   PHE A CA  1 
ATOM   380 C C   . PHE A 1 73 ? -11.118 6.418   2.138   1.00 28.08 ? 47   PHE A C   1 
ATOM   381 O O   . PHE A 1 73 ? -12.166 5.853   2.451   1.00 27.78 ? 47   PHE A O   1 
ATOM   382 C CB  . PHE A 1 73 ? -9.907  4.458   1.167   1.00 29.27 ? 47   PHE A CB  1 
ATOM   383 C CG  . PHE A 1 73 ? -9.542  3.745   -0.090  1.00 29.81 ? 47   PHE A CG  1 
ATOM   384 C CD1 . PHE A 1 73 ? -10.521 3.166   -0.889  1.00 31.49 ? 47   PHE A CD1 1 
ATOM   385 C CD2 . PHE A 1 73 ? -8.233  3.634   -0.466  1.00 27.13 ? 47   PHE A CD2 1 
ATOM   386 C CE1 . PHE A 1 73 ? -10.159 2.453   -2.080  1.00 33.61 ? 47   PHE A CE1 1 
ATOM   387 C CE2 . PHE A 1 73 ? -7.843  3.003   -1.635  1.00 29.66 ? 47   PHE A CE2 1 
ATOM   388 C CZ  . PHE A 1 73 ? -8.807  2.403   -2.472  1.00 31.61 ? 47   PHE A CZ  1 
ATOM   389 N N   . ASP A 1 74 ? -10.672 7.522   2.732   1.00 27.60 ? 48   ASP A N   1 
ATOM   390 C CA  . ASP A 1 74 ? -11.249 8.061   3.973   1.00 28.39 ? 48   ASP A CA  1 
ATOM   391 C C   . ASP A 1 74 ? -11.313 6.974   5.045   1.00 28.55 ? 48   ASP A C   1 
ATOM   392 O O   . ASP A 1 74 ? -12.378 6.704   5.675   1.00 28.21 ? 48   ASP A O   1 
ATOM   393 C CB  . ASP A 1 74 ? -12.619 8.745   3.776   1.00 30.70 ? 48   ASP A CB  1 
ATOM   394 C CG  . ASP A 1 74 ? -12.948 9.769   4.934   1.00 33.74 ? 48   ASP A CG  1 
ATOM   395 O OD1 . ASP A 1 74 ? -14.159 10.140  5.070   1.00 43.67 ? 48   ASP A OD1 1 
ATOM   396 O OD2 . ASP A 1 74 ? -11.972 10.175  5.691   1.00 41.09 ? 48   ASP A OD2 1 
ATOM   397 N N   . ILE A 1 75 ? -10.156 6.361   5.263   1.00 27.03 ? 49   ILE A N   1 
ATOM   398 C CA  . ILE A 1 75 ? -10.008 5.339   6.282   1.00 27.47 ? 49   ILE A CA  1 
ATOM   399 C C   . ILE A 1 75 ? -8.872  5.731   7.219   1.00 26.98 ? 49   ILE A C   1 
ATOM   400 O O   . ILE A 1 75 ? -8.215  6.765   7.051   1.00 24.80 ? 49   ILE A O   1 
ATOM   401 C CB  . ILE A 1 75 ? -9.780  3.941   5.644   1.00 28.05 ? 49   ILE A CB  1 
ATOM   402 C CG1 . ILE A 1 75 ? -8.467  3.876   4.898   1.00 28.21 ? 49   ILE A CG1 1 
ATOM   403 C CG2 . ILE A 1 75 ? -10.954 3.586   4.675   1.00 29.53 ? 49   ILE A CG2 1 
ATOM   404 C CD1 . ILE A 1 75 ? -8.135  2.558   4.347   1.00 28.66 ? 49   ILE A CD1 1 
ATOM   405 N N   . ALA A 1 76 ? -8.674  4.887   8.225   1.00 25.96 ? 50   ALA A N   1 
ATOM   406 C CA  . ALA A 1 76 ? -7.566  5.005   9.174   1.00 26.65 ? 50   ALA A CA  1 
ATOM   407 C C   . ALA A 1 76 ? -6.947  3.654   9.351   1.00 26.92 ? 50   ALA A C   1 
ATOM   408 O O   . ALA A 1 76 ? -7.648  2.654   9.477   1.00 25.88 ? 50   ALA A O   1 
ATOM   409 C CB  . ALA A 1 76 ? -8.076  5.562   10.501  1.00 26.82 ? 50   ALA A CB  1 
ATOM   410 N N   . ILE A 1 77 ? -5.619  3.623   9.378   1.00 27.19 ? 51   ILE A N   1 
ATOM   411 C CA  . ILE A 1 77 ? -4.856  2.420   9.575   1.00 27.26 ? 51   ILE A CA  1 
ATOM   412 C C   . ILE A 1 77 ? -3.996  2.644   10.825  1.00 28.10 ? 51   ILE A C   1 
ATOM   413 O O   . ILE A 1 77 ? -3.366  3.681   10.967  1.00 26.51 ? 51   ILE A O   1 
ATOM   414 C CB  . ILE A 1 77 ? -3.956  2.090   8.345   1.00 28.38 ? 51   ILE A CB  1 
ATOM   415 C CG1 . ILE A 1 77 ? -4.844  1.851   7.114   1.00 28.05 ? 51   ILE A CG1 1 
ATOM   416 C CG2 . ILE A 1 77 ? -3.102  0.856   8.612   1.00 29.23 ? 51   ILE A CG2 1 
ATOM   417 C CD1 . ILE A 1 77 ? -4.102  1.818   5.838   1.00 30.87 ? 51   ILE A CD1 1 
ATOM   418 N N   . SER A 1 78 ? -4.018  1.675   11.741  1.00 26.02 ? 52   SER A N   1 
ATOM   419 C CA  . SER A 1 78 ? -3.331  1.838   13.002  1.00 26.10 ? 52   SER A CA  1 
ATOM   420 C C   . SER A 1 78 ? -1.835  1.821   12.719  1.00 26.18 ? 52   SER A C   1 
ATOM   421 O O   . SER A 1 78 ? -1.389  1.250   11.716  1.00 25.83 ? 52   SER A O   1 
ATOM   422 C CB  . SER A 1 78 ? -3.715  0.759   13.997  1.00 26.65 ? 52   SER A CB  1 
ATOM   423 O OG  . SER A 1 78 ? -3.239  -0.520  13.615  1.00 24.88 ? 52   SER A OG  1 
ATOM   424 N N   . PHE A 1 79 ? -1.050  2.414   13.614  1.00 24.55 ? 53   PHE A N   1 
ATOM   425 C CA  . PHE A 1 79 ? 0.390   2.359   13.422  1.00 25.14 ? 53   PHE A CA  1 
ATOM   426 C C   . PHE A 1 79 ? 0.826   0.882   13.435  1.00 24.69 ? 53   PHE A C   1 
ATOM   427 O O   . PHE A 1 79 ? 1.714   0.466   12.644  1.00 24.74 ? 53   PHE A O   1 
ATOM   428 C CB  . PHE A 1 79 ? 1.119   3.129   14.520  1.00 26.46 ? 53   PHE A CB  1 
ATOM   429 C CG  . PHE A 1 79 ? 2.615   3.088   14.350  1.00 26.52 ? 53   PHE A CG  1 
ATOM   430 C CD1 . PHE A 1 79 ? 3.424   2.291   15.154  1.00 27.58 ? 53   PHE A CD1 1 
ATOM   431 C CD2 . PHE A 1 79 ? 3.195   3.868   13.340  1.00 30.68 ? 53   PHE A CD2 1 
ATOM   432 C CE1 . PHE A 1 79 ? 4.810   2.199   14.956  1.00 25.67 ? 53   PHE A CE1 1 
ATOM   433 C CE2 . PHE A 1 79 ? 4.614   3.810   13.150  1.00 32.15 ? 53   PHE A CE2 1 
ATOM   434 C CZ  . PHE A 1 79 ? 5.388   3.010   13.957  1.00 30.71 ? 53   PHE A CZ  1 
ATOM   435 N N   . ARG A 1 80 ? 0.236   0.112   14.337  1.00 24.75 ? 54   ARG A N   1 
ATOM   436 C CA  . ARG A 1 80 ? 0.633   -1.274  14.533  1.00 24.57 ? 54   ARG A CA  1 
ATOM   437 C C   . ARG A 1 80 ? 0.417   -2.072  13.229  1.00 25.46 ? 54   ARG A C   1 
ATOM   438 O O   . ARG A 1 80 ? 1.271   -2.868  12.769  1.00 26.82 ? 54   ARG A O   1 
ATOM   439 C CB  . ARG A 1 80 ? -0.103  -1.863  15.721  1.00 23.98 ? 54   ARG A CB  1 
ATOM   440 C CG  . ARG A 1 80 ? 0.130   -3.326  15.966  1.00 23.51 ? 54   ARG A CG  1 
ATOM   441 C CD  . ARG A 1 80 ? -0.626  -3.836  17.154  1.00 23.23 ? 54   ARG A CD  1 
ATOM   442 N NE  . ARG A 1 80 ? -0.133  -3.268  18.432  1.00 21.38 ? 54   ARG A NE  1 
ATOM   443 C CZ  . ARG A 1 80 ? 0.960   -3.662  19.055  1.00 24.15 ? 54   ARG A CZ  1 
ATOM   444 N NH1 . ARG A 1 80 ? 1.677   -4.687  18.622  1.00 24.88 ? 54   ARG A NH1 1 
ATOM   445 N NH2 . ARG A 1 80 ? 1.300   -3.087  20.175  1.00 25.19 ? 54   ARG A NH2 1 
ATOM   446 N N   . ASP A 1 81 ? -0.738  -1.878  12.640  1.00 24.36 ? 55   ASP A N   1 
ATOM   447 C CA  . ASP A 1 81 ? -1.048  -2.546  11.353  1.00 26.84 ? 55   ASP A CA  1 
ATOM   448 C C   . ASP A 1 81 ? -0.136  -2.066  10.261  1.00 26.82 ? 55   ASP A C   1 
ATOM   449 O O   . ASP A 1 81 ? 0.383   -2.869  9.511   1.00 26.47 ? 55   ASP A O   1 
ATOM   450 C CB  . ASP A 1 81 ? -2.519  -2.369  11.011  1.00 27.68 ? 55   ASP A CB  1 
ATOM   451 C CG  . ASP A 1 81 ? -3.450  -3.361  11.752  1.00 32.30 ? 55   ASP A CG  1 
ATOM   452 O OD1 . ASP A 1 81 ? -3.001  -4.307  12.449  1.00 33.41 ? 55   ASP A OD1 1 
ATOM   453 O OD2 . ASP A 1 81 ? -4.682  -3.145  11.692  1.00 30.82 ? 55   ASP A OD2 1 
ATOM   454 N N   . ALA A 1 82 ? 0.117   -0.751  10.190  1.00 26.25 ? 56   ALA A N   1 
ATOM   455 C CA  . ALA A 1 82 ? 1.044   -0.237  9.197   1.00 27.82 ? 56   ALA A CA  1 
ATOM   456 C C   . ALA A 1 82 ? 2.412   -0.867  9.331   1.00 28.80 ? 56   ALA A C   1 
ATOM   457 O O   . ALA A 1 82 ? 3.011   -1.236  8.307   1.00 29.25 ? 56   ALA A O   1 
ATOM   458 C CB  . ALA A 1 82 ? 1.154   1.251   9.267   1.00 28.99 ? 56   ALA A CB  1 
ATOM   459 N N   A GLN A 1 83 ? 2.931   -0.943  10.581  0.50 27.69 ? 57   GLN A N   1 
ATOM   460 N N   B GLN A 1 83 ? 2.917   -1.022  10.550  0.50 26.88 ? 57   GLN A N   1 
ATOM   461 C CA  A GLN A 1 83 ? 4.193   -1.644  10.934  0.50 29.37 ? 57   GLN A CA  1 
ATOM   462 C CA  B GLN A 1 83 ? 4.234   -1.605  10.723  0.50 27.88 ? 57   GLN A CA  1 
ATOM   463 C C   A GLN A 1 83 ? 4.286   -3.025  10.302  0.50 28.90 ? 57   GLN A C   1 
ATOM   464 C C   B GLN A 1 83 ? 4.327   -3.084  10.411  0.50 28.12 ? 57   GLN A C   1 
ATOM   465 O O   A GLN A 1 83 ? 5.349   -3.436  9.785   0.50 30.27 ? 57   GLN A O   1 
ATOM   466 O O   B GLN A 1 83 ? 5.440   -3.619  10.240  0.50 29.02 ? 57   GLN A O   1 
ATOM   467 C CB  A GLN A 1 83 ? 4.336   -1.869  12.486  0.50 28.41 ? 57   GLN A CB  1 
ATOM   468 C CB  B GLN A 1 83 ? 4.700   -1.378  12.161  0.50 26.20 ? 57   GLN A CB  1 
ATOM   469 C CG  A GLN A 1 83 ? 5.131   -0.859  13.343  0.50 32.59 ? 57   GLN A CG  1 
ATOM   470 C CG  B GLN A 1 83 ? 4.896   0.058   12.428  0.50 27.15 ? 57   GLN A CG  1 
ATOM   471 C CD  A GLN A 1 83 ? 5.493   -1.393  14.779  0.50 31.10 ? 57   GLN A CD  1 
ATOM   472 C CD  B GLN A 1 83 ? 6.241   0.551   11.943  0.50 29.04 ? 57   GLN A CD  1 
ATOM   473 O OE1 A GLN A 1 83 ? 4.599   -1.669  15.628  0.50 31.48 ? 57   GLN A OE1 1 
ATOM   474 O OE1 B GLN A 1 83 ? 7.289   0.264   12.554  0.50 33.76 ? 57   GLN A OE1 1 
ATOM   475 N NE2 A GLN A 1 83 ? 6.839   -1.583  15.043  0.50 29.60 ? 57   GLN A NE2 1 
ATOM   476 N NE2 B GLN A 1 83 ? 6.232   1.292   10.856  0.50 31.59 ? 57   GLN A NE2 1 
ATOM   477 N N   . ASN A 1 84 ? 3.194   -3.755  10.422  1.00 29.52 ? 58   ASN A N   1 
ATOM   478 C CA  . ASN A 1 84 ? 3.119   -5.162  10.091  1.00 29.52 ? 58   ASN A CA  1 
ATOM   479 C C   . ASN A 1 84 ? 2.884   -5.420  8.602   1.00 30.07 ? 58   ASN A C   1 
ATOM   480 O O   . ASN A 1 84 ? 2.937   -6.551  8.199   1.00 29.60 ? 58   ASN A O   1 
ATOM   481 C CB  . ASN A 1 84 ? 1.992   -5.826  10.882  1.00 29.39 ? 58   ASN A CB  1 
ATOM   482 C CG  . ASN A 1 84 ? 2.321   -5.991  12.348  1.00 33.48 ? 58   ASN A CG  1 
ATOM   483 O OD1 . ASN A 1 84 ? 3.488   -5.968  12.720  1.00 37.64 ? 58   ASN A OD1 1 
ATOM   484 N ND2 . ASN A 1 84 ? 1.292   -6.151  13.198  1.00 31.68 ? 58   ASN A ND2 1 
ATOM   485 N N   . ILE A 1 85 ? 2.603   -4.392  7.796   1.00 29.68 ? 59   ILE A N   1 
ATOM   486 C CA  . ILE A 1 85 ? 2.400   -4.570  6.358   1.00 30.21 ? 59   ILE A CA  1 
ATOM   487 C C   . ILE A 1 85 ? 3.723   -4.906  5.684   1.00 31.77 ? 59   ILE A C   1 
ATOM   488 O O   . ILE A 1 85 ? 4.698   -4.133  5.788   1.00 32.17 ? 59   ILE A O   1 
ATOM   489 C CB  . ILE A 1 85 ? 1.776   -3.323  5.731   1.00 29.98 ? 59   ILE A CB  1 
ATOM   490 C CG1 . ILE A 1 85 ? 0.310   -3.272  6.099   1.00 28.60 ? 59   ILE A CG1 1 
ATOM   491 C CG2 . ILE A 1 85 ? 2.000   -3.319  4.213   1.00 31.24 ? 59   ILE A CG2 1 
ATOM   492 C CD1 . ILE A 1 85 ? -0.322  -1.998  5.750   1.00 32.39 ? 59   ILE A CD1 1 
ATOM   493 N N   . LYS A 1 86 ? 3.763   -6.042  4.988   1.00 30.34 ? 60   LYS A N   1 
ATOM   494 C CA  . LYS A 1 86 ? 4.984   -6.470  4.338   1.00 29.46 ? 60   LYS A CA  1 
ATOM   495 C C   . LYS A 1 86 ? 4.825   -6.597  2.813   1.00 28.61 ? 60   LYS A C   1 
ATOM   496 O O   . LYS A 1 86 ? 5.753   -6.287  2.084   1.00 27.59 ? 60   LYS A O   1 
ATOM   497 C CB  . LYS A 1 86 ? 5.447   -7.813  4.860   1.00 31.23 ? 60   LYS A CB  1 
ATOM   498 C CG  . LYS A 1 86 ? 5.860   -7.841  6.317   1.00 36.85 ? 60   LYS A CG  1 
ATOM   499 C CD  . LYS A 1 86 ? 7.019   -6.942  6.570   1.00 41.41 ? 60   LYS A CD  1 
ATOM   500 C CE  . LYS A 1 86 ? 7.792   -7.479  7.768   1.00 45.74 ? 60   LYS A CE  1 
ATOM   501 N NZ  . LYS A 1 86 ? 6.922   -7.502  8.971   1.00 46.70 ? 60   LYS A NZ  1 
ATOM   502 N N   . THR A 1 87 ? 3.689   -7.151  2.382   1.00 27.75 ? 61   THR A N   1 
ATOM   503 C CA  . THR A 1 87 ? 3.402   -7.355  0.979   1.00 26.51 ? 61   THR A CA  1 
ATOM   504 C C   . THR A 1 87 ? 2.297   -6.472  0.458   1.00 26.45 ? 61   THR A C   1 
ATOM   505 O O   . THR A 1 87 ? 1.487   -5.960  1.227   1.00 25.45 ? 61   THR A O   1 
ATOM   506 C CB  . THR A 1 87 ? 3.013   -8.810  0.708   1.00 24.27 ? 61   THR A CB  1 
ATOM   507 O OG1 . THR A 1 87 ? 1.813   -9.136  1.403   1.00 24.57 ? 61   THR A OG1 1 
ATOM   508 C CG2 . THR A 1 87 ? 4.114   -9.741  1.162   1.00 26.80 ? 61   THR A CG2 1 
ATOM   509 N N   . VAL A 1 88 ? 2.208   -6.402  -0.860  1.00 24.78 ? 62   VAL A N   1 
ATOM   510 C CA  . VAL A 1 88 ? 1.075   -5.744  -1.513  1.00 25.25 ? 62   VAL A CA  1 
ATOM   511 C C   . VAL A 1 88 ? -0.253  -6.342  -0.976  1.00 25.58 ? 62   VAL A C   1 
ATOM   512 O O   . VAL A 1 88 ? -1.196  -5.600  -0.681  1.00 25.46 ? 62   VAL A O   1 
ATOM   513 C CB  . VAL A 1 88 ? 1.172   -5.872  -3.025  1.00 24.10 ? 62   VAL A CB  1 
ATOM   514 C CG1 . VAL A 1 88 ? -0.162  -5.462  -3.718  1.00 23.58 ? 62   VAL A CG1 1 
ATOM   515 C CG2 . VAL A 1 88 ? 2.370   -5.057  -3.591  1.00 25.54 ? 62   VAL A CG2 1 
ATOM   516 N N   . GLY A 1 89 ? -0.346  -7.663  -0.865  1.00 26.13 ? 63   GLY A N   1 
ATOM   517 C CA  . GLY A 1 89 ? -1.549  -8.274  -0.359  1.00 25.29 ? 63   GLY A CA  1 
ATOM   518 C C   . GLY A 1 89 ? -1.986  -7.764  0.997   1.00 25.12 ? 63   GLY A C   1 
ATOM   519 O O   . GLY A 1 89 ? -3.174  -7.625  1.252   1.00 25.32 ? 63   GLY A O   1 
ATOM   520 N N   . ASP A 1 90 ? -1.021  -7.495  1.864   1.00 25.12 ? 64   ASP A N   1 
ATOM   521 C CA  . ASP A 1 90 ? -1.271  -6.995  3.253   1.00 26.74 ? 64   ASP A CA  1 
ATOM   522 C C   . ASP A 1 90 ? -1.913  -5.585  3.146   1.00 26.79 ? 64   ASP A C   1 
ATOM   523 O O   . ASP A 1 90 ? -2.843  -5.226  3.885   1.00 25.92 ? 64   ASP A O   1 
ATOM   524 C CB  . ASP A 1 90 ? 0.030   -6.844  4.024   1.00 27.22 ? 64   ASP A CB  1 
ATOM   525 C CG  . ASP A 1 90 ? 0.716   -8.156  4.355   1.00 25.99 ? 64   ASP A CG  1 
ATOM   526 O OD1 . ASP A 1 90 ? 0.058   -9.232  4.377   1.00 27.06 ? 64   ASP A OD1 1 
ATOM   527 O OD2 . ASP A 1 90 ? 1.929   -8.058  4.634   1.00 25.82 ? 64   ASP A OD2 1 
ATOM   528 N N   . VAL A 1 91 ? -1.433  -4.813  2.173   1.00 27.11 ? 65   VAL A N   1 
ATOM   529 C CA  . VAL A 1 91 ? -2.040  -3.498  1.864   1.00 27.27 ? 65   VAL A CA  1 
ATOM   530 C C   . VAL A 1 91 ? -3.511  -3.671  1.424   1.00 27.77 ? 65   VAL A C   1 
ATOM   531 O O   . VAL A 1 91 ? -4.425  -2.975  1.927   1.00 28.40 ? 65   VAL A O   1 
ATOM   532 C CB  . VAL A 1 91 ? -1.263  -2.754  0.768   1.00 26.34 ? 65   VAL A CB  1 
ATOM   533 C CG1 . VAL A 1 91 ? -1.893  -1.361  0.529   1.00 28.43 ? 65   VAL A CG1 1 
ATOM   534 C CG2 . VAL A 1 91 ? 0.179   -2.540  1.136   1.00 26.87 ? 65   VAL A CG2 1 
ATOM   535 N N   . TYR A 1 92 ? -3.788  -4.627  0.511   1.00 26.99 ? 66   TYR A N   1 
ATOM   536 C CA  . TYR A 1 92 ? -5.168  -4.892  0.100   1.00 28.02 ? 66   TYR A CA  1 
ATOM   537 C C   . TYR A 1 92 ? -6.060  -5.236  1.267   1.00 29.11 ? 66   TYR A C   1 
ATOM   538 O O   . TYR A 1 92 ? -7.152  -4.748  1.375   1.00 29.22 ? 66   TYR A O   1 
ATOM   539 C CB  . TYR A 1 92 ? -5.236  -6.026  -0.942  1.00 26.98 ? 66   TYR A CB  1 
ATOM   540 C CG  . TYR A 1 92 ? -4.506  -5.841  -2.242  1.00 26.33 ? 66   TYR A CG  1 
ATOM   541 C CD1 . TYR A 1 92 ? -4.134  -4.618  -2.743  1.00 25.26 ? 66   TYR A CD1 1 
ATOM   542 C CD2 . TYR A 1 92 ? -4.309  -6.946  -3.087  1.00 27.97 ? 66   TYR A CD2 1 
ATOM   543 C CE1 . TYR A 1 92 ? -3.515  -4.502  -4.009  1.00 26.73 ? 66   TYR A CE1 1 
ATOM   544 C CE2 . TYR A 1 92 ? -3.715  -6.838  -4.331  1.00 28.59 ? 66   TYR A CE2 1 
ATOM   545 C CZ  . TYR A 1 92 ? -3.325  -5.648  -4.805  1.00 28.94 ? 66   TYR A CZ  1 
ATOM   546 O OH  . TYR A 1 92 ? -2.708  -5.643  -6.035  1.00 28.08 ? 66   TYR A OH  1 
ATOM   547 N N   . THR A 1 93 ? -5.599  -6.090  2.172   1.00 28.99 ? 67   THR A N   1 
ATOM   548 C CA  . THR A 1 93 ? -6.497  -6.570  3.235   1.00 29.39 ? 67   THR A CA  1 
ATOM   549 C C   . THR A 1 93 ? -6.645  -5.455  4.281   1.00 29.41 ? 67   THR A C   1 
ATOM   550 O O   . THR A 1 93 ? -7.695  -5.369  4.932   1.00 30.55 ? 67   THR A O   1 
ATOM   551 C CB  . THR A 1 93 ? -6.021  -7.923  3.811   1.00 29.26 ? 67   THR A CB  1 
ATOM   552 O OG1 . THR A 1 93 ? -4.701  -7.764  4.258   1.00 30.58 ? 67   THR A OG1 1 
ATOM   553 C CG2 . THR A 1 93 ? -5.972  -8.911  2.764   1.00 29.49 ? 67   THR A CG2 1 
ATOM   554 N N   . SER A 1 94 ? -5.663  -4.568  4.391   1.00 29.39 ? 68   SER A N   1 
ATOM   555 C CA  . SER A 1 94 ? -5.767  -3.415  5.332   1.00 30.31 ? 68   SER A CA  1 
ATOM   556 C C   . SER A 1 94 ? -6.852  -2.443  4.885   1.00 31.15 ? 68   SER A C   1 
ATOM   557 O O   . SER A 1 94 ? -7.567  -1.872  5.742   1.00 31.94 ? 68   SER A O   1 
ATOM   558 C CB  A SER A 1 94 ? -4.453  -2.661  5.510   0.65 30.78 ? 68   SER A CB  1 
ATOM   559 C CB  B SER A 1 94 ? -4.425  -2.684  5.494   0.35 30.40 ? 68   SER A CB  1 
ATOM   560 O OG  A SER A 1 94 ? -3.595  -3.265  6.447   0.65 31.47 ? 68   SER A OG  1 
ATOM   561 O OG  B SER A 1 94 ? -4.120  -1.834  4.378   0.35 29.18 ? 68   SER A OG  1 
ATOM   562 N N   . VAL A 1 95 ? -6.983  -2.236  3.571   1.00 30.03 ? 69   VAL A N   1 
ATOM   563 C CA  . VAL A 1 95 ? -8.051  -1.422  3.039   1.00 31.30 ? 69   VAL A CA  1 
ATOM   564 C C   . VAL A 1 95 ? -9.371  -2.206  2.992   1.00 32.18 ? 69   VAL A C   1 
ATOM   565 O O   . VAL A 1 95 ? -10.428 -1.645  3.284   1.00 32.74 ? 69   VAL A O   1 
ATOM   566 C CB  . VAL A 1 95 ? -7.678  -0.905  1.653   1.00 31.40 ? 69   VAL A CB  1 
ATOM   567 C CG1 . VAL A 1 95 ? -8.803  -0.111  1.017   1.00 31.54 ? 69   VAL A CG1 1 
ATOM   568 C CG2 . VAL A 1 95 ? -6.372  -0.089  1.758   1.00 29.57 ? 69   VAL A CG2 1 
ATOM   569 N N   . ALA A 1 96 ? -9.319  -3.473  2.580   1.00 32.91 ? 70   ALA A N   1 
ATOM   570 C CA  . ALA A 1 96 ? -10.555 -4.303  2.471   1.00 33.22 ? 70   ALA A CA  1 
ATOM   571 C C   . ALA A 1 96 ? -11.406 -4.354  3.721   1.00 34.02 ? 70   ALA A C   1 
ATOM   572 O O   . ALA A 1 96 ? -12.636 -4.544  3.626   1.00 35.50 ? 70   ALA A O   1 
ATOM   573 C CB  . ALA A 1 96 ? -10.212 -5.696  2.056   1.00 32.92 ? 70   ALA A CB  1 
ATOM   574 N N   . VAL A 1 97 ? -10.792 -4.241  4.888   1.00 34.71 ? 71   VAL A N   1 
ATOM   575 C CA  . VAL A 1 97 ? -11.544 -4.295  6.141   1.00 35.61 ? 71   VAL A CA  1 
ATOM   576 C C   . VAL A 1 97 ? -12.537 -3.148  6.257   1.00 34.33 ? 71   VAL A C   1 
ATOM   577 O O   . VAL A 1 97 ? -13.531 -3.271  6.952   1.00 35.84 ? 71   VAL A O   1 
ATOM   578 C CB  . VAL A 1 97 ? -10.623 -4.386  7.424   1.00 36.88 ? 71   VAL A CB  1 
ATOM   579 C CG1 . VAL A 1 97 ? -9.720  -5.654  7.369   1.00 39.41 ? 71   VAL A CG1 1 
ATOM   580 C CG2 . VAL A 1 97 ? -9.871  -3.151  7.663   1.00 38.26 ? 71   VAL A CG2 1 
ATOM   581 N N   . TRP A 1 98 ? -12.295 -2.059  5.536   1.00 34.01 ? 72   TRP A N   1 
ATOM   582 C CA  . TRP A 1 98 ? -13.194 -0.910  5.565   1.00 34.60 ? 72   TRP A CA  1 
ATOM   583 C C   . TRP A 1 98 ? -14.355 -1.025  4.565   1.00 34.75 ? 72   TRP A C   1 
ATOM   584 O O   . TRP A 1 98 ? -15.258 -0.207  4.599   1.00 35.97 ? 72   TRP A O   1 
ATOM   585 C CB  . TRP A 1 98 ? -12.402 0.384   5.322   1.00 32.88 ? 72   TRP A CB  1 
ATOM   586 C CG  . TRP A 1 98 ? -11.542 0.742   6.528   1.00 32.98 ? 72   TRP A CG  1 
ATOM   587 C CD1 . TRP A 1 98 ? -10.312 0.235   6.853   1.00 33.52 ? 72   TRP A CD1 1 
ATOM   588 C CD2 . TRP A 1 98 ? -11.882 1.666   7.573   1.00 31.71 ? 72   TRP A CD2 1 
ATOM   589 N NE1 . TRP A 1 98 ? -9.848  0.805   8.056   1.00 30.69 ? 72   TRP A NE1 1 
ATOM   590 C CE2 . TRP A 1 98 ? -10.802 1.690   8.495   1.00 32.21 ? 72   TRP A CE2 1 
ATOM   591 C CE3 . TRP A 1 98 ? -12.967 2.515   7.790   1.00 34.51 ? 72   TRP A CE3 1 
ATOM   592 C CZ2 . TRP A 1 98 ? -10.788 2.519   9.613   1.00 34.52 ? 72   TRP A CZ2 1 
ATOM   593 C CZ3 . TRP A 1 98 ? -12.957 3.326   8.917   1.00 33.77 ? 72   TRP A CZ3 1 
ATOM   594 C CH2 . TRP A 1 98 ? -11.852 3.326   9.819   1.00 33.80 ? 72   TRP A CH2 1 
ATOM   595 N N   . PHE A 1 99 ? -14.339 -2.046  3.714   1.00 35.93 ? 73   PHE A N   1 
ATOM   596 C CA  . PHE A 1 99 ? -15.349 -2.217  2.644   1.00 36.03 ? 73   PHE A CA  1 
ATOM   597 C C   . PHE A 1 99 ? -15.892 -3.643  2.525   1.00 37.26 ? 73   PHE A C   1 
ATOM   598 O O   . PHE A 1 99 ? -15.825 -4.419  3.480   1.00 37.77 ? 73   PHE A O   1 
ATOM   599 C CB  . PHE A 1 99 ? -14.703 -1.824  1.336   1.00 36.73 ? 73   PHE A CB  1 
ATOM   600 C CG  . PHE A 1 99 ? -14.234 -0.409  1.332   1.00 37.39 ? 73   PHE A CG  1 
ATOM   601 C CD1 . PHE A 1 99 ? -12.900 -0.102  1.531   1.00 37.38 ? 73   PHE A CD1 1 
ATOM   602 C CD2 . PHE A 1 99 ? -15.159 0.636   1.198   1.00 38.41 ? 73   PHE A CD2 1 
ATOM   603 C CE1 . PHE A 1 99 ? -12.494 1.221   1.573   1.00 37.68 ? 73   PHE A CE1 1 
ATOM   604 C CE2 . PHE A 1 99 ? -14.753 1.965   1.227   1.00 37.56 ? 73   PHE A CE2 1 
ATOM   605 C CZ  . PHE A 1 99 ? -13.431 2.257   1.413   1.00 38.84 ? 73   PHE A CZ  1 
HETATM 606 O O   . HOH B 2 .  ? 1.543   6.403   -12.041 1.00 48.39 ? 2001 HOH A O   1 
HETATM 607 O O   . HOH B 2 .  ? -4.637  0.032   -11.548 1.00 52.92 ? 2002 HOH A O   1 
HETATM 608 O O   . HOH B 2 .  ? -2.571  13.571  -3.515  1.00 36.38 ? 2003 HOH A O   1 
HETATM 609 O O   . HOH B 2 .  ? -5.668  6.256   -11.468 1.00 50.31 ? 2004 HOH A O   1 
HETATM 610 O O   . HOH B 2 .  ? -3.105  -2.815  -11.583 1.00 54.06 ? 2005 HOH A O   1 
HETATM 611 O O   . HOH B 2 .  ? 9.098   -9.329  4.160   1.00 37.01 ? 2006 HOH A O   1 
HETATM 612 O O   . HOH B 2 .  ? -0.820  5.425   -11.055 1.00 37.83 ? 2007 HOH A O   1 
HETATM 613 O O   . HOH B 2 .  ? -1.291  3.699   -12.736 1.00 50.50 ? 2008 HOH A O   1 
HETATM 614 O O   . HOH B 2 .  ? 3.561   9.848   -9.990  1.00 34.32 ? 2009 HOH A O   1 
HETATM 615 O O   . HOH B 2 .  ? 6.709   6.080   9.197   1.00 56.10 ? 2010 HOH A O   1 
HETATM 616 O O   . HOH B 2 .  ? 8.899   2.131   7.743   1.00 49.25 ? 2011 HOH A O   1 
HETATM 617 O O   . HOH B 2 .  ? 9.366   7.314   -6.351  1.00 51.36 ? 2012 HOH A O   1 
HETATM 618 O O   . HOH B 2 .  ? 6.416   13.206  -10.214 1.00 29.64 ? 2013 HOH A O   1 
HETATM 619 O O   . HOH B 2 .  ? -5.310  9.590   -4.126  1.00 55.97 ? 2014 HOH A O   1 
HETATM 620 O O   . HOH B 2 .  ? -3.389  12.540  -1.027  1.00 26.49 ? 2015 HOH A O   1 
HETATM 621 O O   . HOH B 2 .  ? -5.900  13.828  -0.858  1.00 41.40 ? 2016 HOH A O   1 
HETATM 622 O O   . HOH B 2 .  ? 3.192   5.212   -12.845 1.00 54.97 ? 2017 HOH A O   1 
HETATM 623 O O   . HOH B 2 .  ? -7.299  5.107   -9.271  1.00 47.01 ? 2018 HOH A O   1 
HETATM 624 O O   . HOH B 2 .  ? -10.273 8.952   9.319   1.00 46.03 ? 2019 HOH A O   1 
HETATM 625 O O   . HOH B 2 .  ? 6.589   -5.612  -11.687 1.00 55.22 ? 2020 HOH A O   1 
HETATM 626 O O   . HOH B 2 .  ? 5.797   -5.473  -15.054 1.00 50.40 ? 2021 HOH A O   1 
HETATM 627 O O   . HOH B 2 .  ? 9.185   -2.119  5.891   1.00 43.54 ? 2022 HOH A O   1 
HETATM 628 O O   . HOH B 2 .  ? -0.525  -3.369  -11.841 1.00 43.83 ? 2023 HOH A O   1 
HETATM 629 O O   . HOH B 2 .  ? 9.734   -6.425  4.190   1.00 34.52 ? 2024 HOH A O   1 
HETATM 630 O O   . HOH B 2 .  ? -2.234  -9.789  -7.341  1.00 33.80 ? 2025 HOH A O   1 
HETATM 631 O O   . HOH B 2 .  ? 5.911   -14.748 -4.538  1.00 22.38 ? 2026 HOH A O   1 
HETATM 632 O O   . HOH B 2 .  ? 11.804  -10.818 -2.713  1.00 47.75 ? 2027 HOH A O   1 
HETATM 633 O O   . HOH B 2 .  ? 9.145   -0.623  -8.035  1.00 50.92 ? 2028 HOH A O   1 
HETATM 634 O O   . HOH B 2 .  ? 12.598  3.605   -3.737  1.00 57.99 ? 2029 HOH A O   1 
HETATM 635 O O   . HOH B 2 .  ? 12.630  8.413   -0.923  1.00 46.64 ? 2030 HOH A O   1 
HETATM 636 O O   . HOH B 2 .  ? 7.278   4.330   7.230   1.00 43.95 ? 2031 HOH A O   1 
HETATM 637 O O   . HOH B 2 .  ? 13.103  7.034   3.515   1.00 36.80 ? 2032 HOH A O   1 
HETATM 638 O O   . HOH B 2 .  ? 13.919  3.520   4.552   1.00 44.76 ? 2033 HOH A O   1 
HETATM 639 O O   . HOH B 2 .  ? 0.521   11.160  1.518   1.00 24.34 ? 2034 HOH A O   1 
HETATM 640 O O   . HOH B 2 .  ? -4.723  10.192  -1.508  1.00 33.86 ? 2035 HOH A O   1 
HETATM 641 O O   . HOH B 2 .  ? 1.978   10.967  -0.867  1.00 31.67 ? 2036 HOH A O   1 
HETATM 642 O O   . HOH B 2 .  ? -3.667  7.778   -4.918  1.00 43.15 ? 2037 HOH A O   1 
HETATM 643 O O   . HOH B 2 .  ? -3.945  10.427  7.078   1.00 21.44 ? 2038 HOH A O   1 
HETATM 644 O O   . HOH B 2 .  ? -1.402  6.686   9.772   1.00 38.54 ? 2039 HOH A O   1 
HETATM 645 O O   . HOH B 2 .  ? -1.954  12.566  1.358   1.00 24.45 ? 2040 HOH A O   1 
HETATM 646 O O   . HOH B 2 .  ? -7.177  11.725  -1.563  1.00 48.57 ? 2041 HOH A O   1 
HETATM 647 O O   . HOH B 2 .  ? -6.575  10.830  6.285   1.00 25.74 ? 2042 HOH A O   1 
HETATM 648 O O   . HOH B 2 .  ? -8.524  13.411  3.801   1.00 33.96 ? 2043 HOH A O   1 
HETATM 649 O O   . HOH B 2 .  ? -5.886  5.122   -7.013  1.00 29.84 ? 2044 HOH A O   1 
HETATM 650 O O   . HOH B 2 .  ? -14.145 5.359   0.376   1.00 51.34 ? 2045 HOH A O   1 
HETATM 651 O O   . HOH B 2 .  ? -8.889  9.297   6.843   1.00 27.96 ? 2046 HOH A O   1 
HETATM 652 O O   . HOH B 2 .  ? -7.951  -0.113  10.136  1.00 34.49 ? 2047 HOH A O   1 
HETATM 653 O O   . HOH B 2 .  ? -2.910  5.982   10.846  1.00 29.46 ? 2048 HOH A O   1 
HETATM 654 O O   . HOH B 2 .  ? -0.483  4.005   10.432  1.00 36.21 ? 2049 HOH A O   1 
HETATM 655 O O   . HOH B 2 .  ? -3.738  -2.749  14.963  1.00 36.55 ? 2050 HOH A O   1 
HETATM 656 O O   . HOH B 2 .  ? -1.743  -5.950  20.093  1.00 45.93 ? 2051 HOH A O   1 
HETATM 657 O O   . HOH B 2 .  ? 1.863   -6.469  16.265  1.00 34.86 ? 2052 HOH A O   1 
HETATM 658 O O   . HOH B 2 .  ? -5.700  -0.675  11.496  1.00 29.79 ? 2053 HOH A O   1 
HETATM 659 O O   . HOH B 2 .  ? 4.400   2.718   9.951   1.00 59.60 ? 2054 HOH A O   1 
HETATM 660 O O   . HOH B 2 .  ? -0.012  -7.161  7.625   1.00 30.05 ? 2055 HOH A O   1 
HETATM 661 O O   . HOH B 2 .  ? 2.960   -9.014  9.194   1.00 41.45 ? 2056 HOH A O   1 
HETATM 662 O O   . HOH B 2 .  ? -1.109  -6.238  11.895  1.00 40.75 ? 2057 HOH A O   1 
HETATM 663 O O   . HOH B 2 .  ? 7.325   -3.078  4.395   1.00 30.59 ? 2058 HOH A O   1 
HETATM 664 O O   . HOH B 2 .  ? 8.080   -4.936  2.791   1.00 26.06 ? 2059 HOH A O   1 
HETATM 665 O O   . HOH B 2 .  ? 7.247   -11.564 7.980   1.00 40.54 ? 2060 HOH A O   1 
HETATM 666 O O   . HOH B 2 .  ? -1.600  -9.091  6.783   1.00 30.73 ? 2061 HOH A O   1 
HETATM 667 O O   . HOH B 2 .  ? -2.875  -7.247  -8.357  1.00 50.70 ? 2062 HOH A O   1 
HETATM 668 O O   . HOH B 2 .  ? -3.460  -10.192 4.507   1.00 30.04 ? 2063 HOH A O   1 
HETATM 669 O O   . HOH B 2 .  ? -6.847  -1.823  8.260   1.00 35.37 ? 2064 HOH A O   1 
# 
loop_
_pdbx_poly_seq_scheme.asym_id 
_pdbx_poly_seq_scheme.entity_id 
_pdbx_poly_seq_scheme.seq_id 
_pdbx_poly_seq_scheme.mon_id 
_pdbx_poly_seq_scheme.ndb_seq_num 
_pdbx_poly_seq_scheme.pdb_seq_num 
_pdbx_poly_seq_scheme.auth_seq_num 
_pdbx_poly_seq_scheme.pdb_mon_id 
_pdbx_poly_seq_scheme.auth_mon_id 
_pdbx_poly_seq_scheme.pdb_strand_id 
_pdbx_poly_seq_scheme.pdb_ins_code 
_pdbx_poly_seq_scheme.hetero 
A 1 1   MET 1   -25 ?  ?   ?   A . n 
A 1 2   LYS 2   -24 ?  ?   ?   A . n 
A 1 3   HIS 3   -23 ?  ?   ?   A . n 
A 1 4   HIS 4   -22 ?  ?   ?   A . n 
A 1 5   HIS 5   -21 ?  ?   ?   A . n 
A 1 6   HIS 6   -20 ?  ?   ?   A . n 
A 1 7   HIS 7   -19 ?  ?   ?   A . n 
A 1 8   HIS 8   -18 ?  ?   ?   A . n 
A 1 9   PRO 9   -17 ?  ?   ?   A . n 
A 1 10  MET 10  -16 ?  ?   ?   A . n 
A 1 11  SER 11  -15 ?  ?   ?   A . n 
A 1 12  ASP 12  -14 ?  ?   ?   A . n 
A 1 13  TYR 13  -13 ?  ?   ?   A . n 
A 1 14  ASP 14  -12 ?  ?   ?   A . n 
A 1 15  ILE 15  -11 ?  ?   ?   A . n 
A 1 16  PRO 16  -10 ?  ?   ?   A . n 
A 1 17  THR 17  -9  ?  ?   ?   A . n 
A 1 18  THR 18  -8  ?  ?   ?   A . n 
A 1 19  GLU 19  -7  ?  ?   ?   A . n 
A 1 20  ASN 20  -6  ?  ?   ?   A . n 
A 1 21  LEU 21  -5  ?  ?   ?   A . n 
A 1 22  TYR 22  -4  ?  ?   ?   A . n 
A 1 23  PHE 23  -3  ?  ?   ?   A . n 
A 1 24  GLN 24  -2  ?  ?   ?   A . n 
A 1 25  GLY 25  -1  ?  ?   ?   A . n 
A 1 26  ALA 26  0   0  ALA ALA A . n 
A 1 27  MET 27  1   1  MET MET A . n 
A 1 28  GLU 28  2   2  GLU GLU A . n 
A 1 29  GLU 29  3   3  GLU GLU A . n 
A 1 30  ALA 30  4   4  ALA ALA A . n 
A 1 31  ILE 31  5   5  ILE ILE A . n 
A 1 32  ASN 32  6   6  ASN ASN A . n 
A 1 33  ALA 33  7   7  ALA ALA A . n 
A 1 34  THR 34  8   8  THR THR A . n 
A 1 35  ILE 35  9   9  ILE ILE A . n 
A 1 36  GLN 36  10  10 GLN GLN A . n 
A 1 37  ARG 37  11  11 ARG ARG A . n 
A 1 38  ILE 38  12  12 ILE ILE A . n 
A 1 39  LEU 39  13  13 LEU LEU A . n 
A 1 40  ARG 40  14  14 ARG ARG A . n 
A 1 41  THR 41  15  15 THR THR A . n 
A 1 42  ASP 42  16  16 ASP ASP A . n 
A 1 43  ARG 43  17  17 ARG ARG A . n 
A 1 44  GLY 44  18  18 GLY GLY A . n 
A 1 45  ILE 45  19  19 ILE ILE A . n 
A 1 46  THR 46  20  20 THR THR A . n 
A 1 47  ALA 47  21  21 ALA ALA A . n 
A 1 48  ASN 48  22  22 ASN ASN A . n 
A 1 49  GLN 49  23  23 GLN GLN A . n 
A 1 50  VAL 50  24  24 VAL VAL A . n 
A 1 51  LEU 51  25  25 LEU LEU A . n 
A 1 52  VAL 52  26  26 VAL VAL A . n 
A 1 53  ASP 53  27  27 ASP ASP A . n 
A 1 54  ASP 54  28  28 ASP ASP A . n 
A 1 55  LEU 55  29  29 LEU LEU A . n 
A 1 56  GLY 56  30  30 GLY GLY A . n 
A 1 57  PHE 57  31  31 PHE PHE A . n 
A 1 58  ASP 58  32  32 ASP ASP A . n 
A 1 59  SER 59  33  33 SER SER A . n 
A 1 60  LEU 60  34  34 LEU LEU A . n 
A 1 61  LYS 61  35  35 LYS LYS A . n 
A 1 62  LEU 62  36  36 LEU LEU A . n 
A 1 63  PHE 63  37  37 PHE PHE A . n 
A 1 64  GLN 64  38  38 GLN GLN A . n 
A 1 65  LEU 65  39  39 LEU LEU A . n 
A 1 66  ILE 66  40  40 ILE ILE A . n 
A 1 67  THR 67  41  41 THR THR A . n 
A 1 68  GLU 68  42  42 GLU GLU A . n 
A 1 69  LEU 69  43  43 LEU LEU A . n 
A 1 70  GLU 70  44  44 GLU GLU A . n 
A 1 71  ASP 71  45  45 ASP ASP A . n 
A 1 72  GLU 72  46  46 GLU GLU A . n 
A 1 73  PHE 73  47  47 PHE PHE A . n 
A 1 74  ASP 74  48  48 ASP ASP A . n 
A 1 75  ILE 75  49  49 ILE ILE A . n 
A 1 76  ALA 76  50  50 ALA ALA A . n 
A 1 77  ILE 77  51  51 ILE ILE A . n 
A 1 78  SER 78  52  52 SER SER A . n 
A 1 79  PHE 79  53  53 PHE PHE A . n 
A 1 80  ARG 80  54  54 ARG ARG A . n 
A 1 81  ASP 81  55  55 ASP ASP A . n 
A 1 82  ALA 82  56  56 ALA ALA A . n 
A 1 83  GLN 83  57  57 GLN GLN A . n 
A 1 84  ASN 84  58  58 ASN ASN A . n 
A 1 85  ILE 85  59  59 ILE ILE A . n 
A 1 86  LYS 86  60  60 LYS LYS A . n 
A 1 87  THR 87  61  61 THR THR A . n 
A 1 88  VAL 88  62  62 VAL VAL A . n 
A 1 89  GLY 89  63  63 GLY GLY A . n 
A 1 90  ASP 90  64  64 ASP ASP A . n 
A 1 91  VAL 91  65  65 VAL VAL A . n 
A 1 92  TYR 92  66  66 TYR TYR A . n 
A 1 93  THR 93  67  67 THR THR A . n 
A 1 94  SER 94  68  68 SER SER A . n 
A 1 95  VAL 95  69  69 VAL VAL A . n 
A 1 96  ALA 96  70  70 ALA ALA A . n 
A 1 97  VAL 97  71  71 VAL VAL A . n 
A 1 98  TRP 98  72  72 TRP TRP A . n 
A 1 99  PHE 99  73  73 PHE PHE A . n 
A 1 100 PRO 100 74  ?  ?   ?   A . n 
A 1 101 GLU 101 75  ?  ?   ?   A . n 
A 1 102 THR 102 76  ?  ?   ?   A . n 
A 1 103 ALA 103 77  ?  ?   ?   A . n 
A 1 104 LYS 104 78  ?  ?   ?   A . n 
A 1 105 PRO 105 79  ?  ?   ?   A . n 
A 1 106 ALA 106 80  ?  ?   ?   A . n 
A 1 107 PRO 107 81  ?  ?   ?   A . n 
A 1 108 LEU 108 82  ?  ?   ?   A . n 
A 1 109 GLY 109 83  ?  ?   ?   A . n 
A 1 110 LYS 110 84  ?  ?   ?   A . n 
A 1 111 GLY 111 85  ?  ?   ?   A . n 
A 1 112 THR 112 86  ?  ?   ?   A . n 
A 1 113 ALA 113 87  ?  ?   ?   A . n 
# 
loop_
_pdbx_nonpoly_scheme.asym_id 
_pdbx_nonpoly_scheme.entity_id 
_pdbx_nonpoly_scheme.mon_id 
_pdbx_nonpoly_scheme.ndb_seq_num 
_pdbx_nonpoly_scheme.pdb_seq_num 
_pdbx_nonpoly_scheme.auth_seq_num 
_pdbx_nonpoly_scheme.pdb_mon_id 
_pdbx_nonpoly_scheme.auth_mon_id 
_pdbx_nonpoly_scheme.pdb_strand_id 
_pdbx_nonpoly_scheme.pdb_ins_code 
B 2 HOH 1  2001 2001 HOH HOH A . 
B 2 HOH 2  2002 2002 HOH HOH A . 
B 2 HOH 3  2003 2003 HOH HOH A . 
B 2 HOH 4  2004 2004 HOH HOH A . 
B 2 HOH 5  2005 2005 HOH HOH A . 
B 2 HOH 6  2006 2006 HOH HOH A . 
B 2 HOH 7  2007 2007 HOH HOH A . 
B 2 HOH 8  2008 2008 HOH HOH A . 
B 2 HOH 9  2009 2009 HOH HOH A . 
B 2 HOH 10 2010 2010 HOH HOH A . 
B 2 HOH 11 2011 2011 HOH HOH A . 
B 2 HOH 12 2012 2012 HOH HOH A . 
B 2 HOH 13 2013 2013 HOH HOH A . 
B 2 HOH 14 2014 2014 HOH HOH A . 
B 2 HOH 15 2015 2015 HOH HOH A . 
B 2 HOH 16 2016 2016 HOH HOH A . 
B 2 HOH 17 2017 2017 HOH HOH A . 
B 2 HOH 18 2018 2018 HOH HOH A . 
B 2 HOH 19 2019 2019 HOH HOH A . 
B 2 HOH 20 2020 2020 HOH HOH A . 
B 2 HOH 21 2021 2021 HOH HOH A . 
B 2 HOH 22 2022 2022 HOH HOH A . 
B 2 HOH 23 2023 2023 HOH HOH A . 
B 2 HOH 24 2024 2024 HOH HOH A . 
B 2 HOH 25 2025 2025 HOH HOH A . 
B 2 HOH 26 2026 2026 HOH HOH A . 
B 2 HOH 27 2027 2027 HOH HOH A . 
B 2 HOH 28 2028 2028 HOH HOH A . 
B 2 HOH 29 2029 2029 HOH HOH A . 
B 2 HOH 30 2030 2030 HOH HOH A . 
B 2 HOH 31 2031 2031 HOH HOH A . 
B 2 HOH 32 2032 2032 HOH HOH A . 
B 2 HOH 33 2033 2033 HOH HOH A . 
B 2 HOH 34 2034 2034 HOH HOH A . 
B 2 HOH 35 2035 2035 HOH HOH A . 
B 2 HOH 36 2036 2036 HOH HOH A . 
B 2 HOH 37 2037 2037 HOH HOH A . 
B 2 HOH 38 2038 2038 HOH HOH A . 
B 2 HOH 39 2039 2039 HOH HOH A . 
B 2 HOH 40 2040 2040 HOH HOH A . 
B 2 HOH 41 2041 2041 HOH HOH A . 
B 2 HOH 42 2042 2042 HOH HOH A . 
B 2 HOH 43 2043 2043 HOH HOH A . 
B 2 HOH 44 2044 2044 HOH HOH A . 
B 2 HOH 45 2045 2045 HOH HOH A . 
B 2 HOH 46 2046 2046 HOH HOH A . 
B 2 HOH 47 2047 2047 HOH HOH A . 
B 2 HOH 48 2048 2048 HOH HOH A . 
B 2 HOH 49 2049 2049 HOH HOH A . 
B 2 HOH 50 2050 2050 HOH HOH A . 
B 2 HOH 51 2051 2051 HOH HOH A . 
B 2 HOH 52 2052 2052 HOH HOH A . 
B 2 HOH 53 2053 2053 HOH HOH A . 
B 2 HOH 54 2054 2054 HOH HOH A . 
B 2 HOH 55 2055 2055 HOH HOH A . 
B 2 HOH 56 2056 2056 HOH HOH A . 
B 2 HOH 57 2057 2057 HOH HOH A . 
B 2 HOH 58 2058 2058 HOH HOH A . 
B 2 HOH 59 2059 2059 HOH HOH A . 
B 2 HOH 60 2060 2060 HOH HOH A . 
B 2 HOH 61 2061 2061 HOH HOH A . 
B 2 HOH 62 2062 2062 HOH HOH A . 
B 2 HOH 63 2063 2063 HOH HOH A . 
B 2 HOH 64 2064 2064 HOH HOH A . 
# 
_pdbx_struct_assembly.id                   1 
_pdbx_struct_assembly.details              author_and_software_defined_assembly 
_pdbx_struct_assembly.method_details       PQS 
_pdbx_struct_assembly.oligomeric_details   monomeric 
_pdbx_struct_assembly.oligomeric_count     1 
# 
_pdbx_struct_assembly_gen.assembly_id       1 
_pdbx_struct_assembly_gen.oper_expression   1 
_pdbx_struct_assembly_gen.asym_id_list      A,B 
# 
_pdbx_struct_oper_list.id                   1 
_pdbx_struct_oper_list.type                 'identity operation' 
_pdbx_struct_oper_list.name                 1_555 
_pdbx_struct_oper_list.symmetry_operation   x,y,z 
_pdbx_struct_oper_list.matrix[1][1]         1.0000000000 
_pdbx_struct_oper_list.matrix[1][2]         0.0000000000 
_pdbx_struct_oper_list.matrix[1][3]         0.0000000000 
_pdbx_struct_oper_list.vector[1]            0.0000000000 
_pdbx_struct_oper_list.matrix[2][1]         0.0000000000 
_pdbx_struct_oper_list.matrix[2][2]         1.0000000000 
_pdbx_struct_oper_list.matrix[2][3]         0.0000000000 
_pdbx_struct_oper_list.vector[2]            0.0000000000 
_pdbx_struct_oper_list.matrix[3][1]         0.0000000000 
_pdbx_struct_oper_list.matrix[3][2]         0.0000000000 
_pdbx_struct_oper_list.matrix[3][3]         1.0000000000 
_pdbx_struct_oper_list.vector[3]            0.0000000000 
# 
loop_
_pdbx_audit_revision_history.ordinal 
_pdbx_audit_revision_history.data_content_type 
_pdbx_audit_revision_history.major_revision 
_pdbx_audit_revision_history.minor_revision 
_pdbx_audit_revision_history.revision_date 
1 'Structure model' 1 0 2007-05-01 
2 'Structure model' 1 1 2011-07-13 
3 'Structure model' 1 2 2017-07-12 
4 'Structure model' 1 3 2018-03-07 
5 'Structure model' 1 4 2019-07-24 
6 'Structure model' 1 5 2023-12-13 
# 
_pdbx_audit_revision_details.ordinal             1 
_pdbx_audit_revision_details.revision_ordinal    1 
_pdbx_audit_revision_details.data_content_type   'Structure model' 
_pdbx_audit_revision_details.provider            repository 
_pdbx_audit_revision_details.type                'Initial release' 
_pdbx_audit_revision_details.description         ? 
_pdbx_audit_revision_details.details             ? 
# 
loop_
_pdbx_audit_revision_group.ordinal 
_pdbx_audit_revision_group.revision_ordinal 
_pdbx_audit_revision_group.data_content_type 
_pdbx_audit_revision_group.group 
1 2 'Structure model' Advisory                    
2 2 'Structure model' 'Version format compliance' 
3 3 'Structure model' 'Refinement description'    
4 4 'Structure model' 'Source and taxonomy'       
5 5 'Structure model' 'Data collection'           
6 6 'Structure model' 'Data collection'           
7 6 'Structure model' 'Database references'       
8 6 'Structure model' Other                       
9 6 'Structure model' 'Refinement description'    
# 
loop_
_pdbx_audit_revision_category.ordinal 
_pdbx_audit_revision_category.revision_ordinal 
_pdbx_audit_revision_category.data_content_type 
_pdbx_audit_revision_category.category 
1 3 'Structure model' software                      
2 4 'Structure model' entity_src_gen                
3 5 'Structure model' diffrn_source                 
4 6 'Structure model' chem_comp_atom                
5 6 'Structure model' chem_comp_bond                
6 6 'Structure model' database_2                    
7 6 'Structure model' pdbx_database_status          
8 6 'Structure model' pdbx_initial_refinement_model 
# 
loop_
_pdbx_audit_revision_item.ordinal 
_pdbx_audit_revision_item.revision_ordinal 
_pdbx_audit_revision_item.data_content_type 
_pdbx_audit_revision_item.item 
1 3 'Structure model' '_software.name'                                 
2 4 'Structure model' '_entity_src_gen.pdbx_host_org_ncbi_taxonomy_id' 
3 4 'Structure model' '_entity_src_gen.pdbx_host_org_scientific_name'  
4 4 'Structure model' '_entity_src_gen.pdbx_host_org_strain'           
5 4 'Structure model' '_entity_src_gen.pdbx_host_org_variant'          
6 5 'Structure model' '_diffrn_source.pdbx_synchrotron_site'           
7 6 'Structure model' '_database_2.pdbx_DOI'                           
8 6 'Structure model' '_database_2.pdbx_database_accession'            
9 6 'Structure model' '_pdbx_database_status.status_code_sf'           
# 
_pdbx_refine_tls.pdbx_refine_id   'X-RAY DIFFRACTION' 
_pdbx_refine_tls.id               1 
_pdbx_refine_tls.details          ? 
_pdbx_refine_tls.method           refined 
_pdbx_refine_tls.origin_x         0.1673 
_pdbx_refine_tls.origin_y         0.2925 
_pdbx_refine_tls.origin_z         0.0570 
_pdbx_refine_tls.T[1][1]          -0.0179 
_pdbx_refine_tls.T[2][2]          -0.0619 
_pdbx_refine_tls.T[3][3]          -0.0614 
_pdbx_refine_tls.T[1][2]          -0.0324 
_pdbx_refine_tls.T[1][3]          -0.0147 
_pdbx_refine_tls.T[2][3]          0.0031 
_pdbx_refine_tls.L[1][1]          1.2081 
_pdbx_refine_tls.L[2][2]          3.0988 
_pdbx_refine_tls.L[3][3]          1.9674 
_pdbx_refine_tls.L[1][2]          -0.4304 
_pdbx_refine_tls.L[1][3]          -0.1889 
_pdbx_refine_tls.L[2][3]          0.8510 
_pdbx_refine_tls.S[1][1]          -0.0006 
_pdbx_refine_tls.S[1][2]          0.0586 
_pdbx_refine_tls.S[1][3]          -0.0990 
_pdbx_refine_tls.S[2][1]          -0.2721 
_pdbx_refine_tls.S[2][2]          0.1049 
_pdbx_refine_tls.S[2][3]          -0.0388 
_pdbx_refine_tls.S[3][1]          0.0525 
_pdbx_refine_tls.S[3][2]          -0.1470 
_pdbx_refine_tls.S[3][3]          -0.1043 
# 
_pdbx_refine_tls_group.pdbx_refine_id      'X-RAY DIFFRACTION' 
_pdbx_refine_tls_group.id                  1 
_pdbx_refine_tls_group.refine_tls_id       1 
_pdbx_refine_tls_group.beg_auth_asym_id    A 
_pdbx_refine_tls_group.beg_auth_seq_id     0 
_pdbx_refine_tls_group.beg_label_asym_id   ? 
_pdbx_refine_tls_group.beg_label_seq_id    ? 
_pdbx_refine_tls_group.end_auth_asym_id    A 
_pdbx_refine_tls_group.end_auth_seq_id     73 
_pdbx_refine_tls_group.end_label_asym_id   ? 
_pdbx_refine_tls_group.end_label_seq_id    ? 
_pdbx_refine_tls_group.selection           ? 
_pdbx_refine_tls_group.selection_details   ? 
# 
loop_
_software.name 
_software.classification 
_software.version 
_software.citation_id 
_software.pdbx_ordinal 
REFMAC    refinement       5.2.0005 ? 1 
DENZO     'data reduction' .        ? 2 
SCALEPACK 'data scaling'   .        ? 3 
CaspR     phasing          .        ? 4 
# 
_pdbx_entry_details.entry_id                 2CGQ 
_pdbx_entry_details.compound_details         ? 
_pdbx_entry_details.source_details           ? 
_pdbx_entry_details.nonpolymer_details       ? 
_pdbx_entry_details.sequence_details         
;OWING TO GENE CONSTRUCTION METHOD, SOME FOREIGN RESIDUES
 ARE INTRODUCED INTO THE N-TERMINAL. RESIDUES WITH POOR
 ELECTRON DENSITY ARE NOT BUILT INTO THE MODEL.
;
_pdbx_entry_details.has_ligand_of_interest   ? 
# 
loop_
_pdbx_validate_close_contact.id 
_pdbx_validate_close_contact.PDB_model_num 
_pdbx_validate_close_contact.auth_atom_id_1 
_pdbx_validate_close_contact.auth_asym_id_1 
_pdbx_validate_close_contact.auth_comp_id_1 
_pdbx_validate_close_contact.auth_seq_id_1 
_pdbx_validate_close_contact.PDB_ins_code_1 
_pdbx_validate_close_contact.label_alt_id_1 
_pdbx_validate_close_contact.auth_atom_id_2 
_pdbx_validate_close_contact.auth_asym_id_2 
_pdbx_validate_close_contact.auth_comp_id_2 
_pdbx_validate_close_contact.auth_seq_id_2 
_pdbx_validate_close_contact.PDB_ins_code_2 
_pdbx_validate_close_contact.label_alt_id_2 
_pdbx_validate_close_contact.dist 
1 1 OE2 A GLU 42   ? B O A HOH 2036 ? ? 1.91 
2 1 O   A HOH 2039 ? ? O A HOH 2048 ? ? 1.98 
3 1 O   A HOH 2001 ? ? O A HOH 2017 ? ? 2.19 
# 
_pdbx_validate_symm_contact.id                1 
_pdbx_validate_symm_contact.PDB_model_num     1 
_pdbx_validate_symm_contact.auth_atom_id_1    O 
_pdbx_validate_symm_contact.auth_asym_id_1    A 
_pdbx_validate_symm_contact.auth_comp_id_1    HOH 
_pdbx_validate_symm_contact.auth_seq_id_1     2048 
_pdbx_validate_symm_contact.PDB_ins_code_1    ? 
_pdbx_validate_symm_contact.label_alt_id_1    ? 
_pdbx_validate_symm_contact.site_symmetry_1   1_555 
_pdbx_validate_symm_contact.auth_atom_id_2    O 
_pdbx_validate_symm_contact.auth_asym_id_2    A 
_pdbx_validate_symm_contact.auth_comp_id_2    HOH 
_pdbx_validate_symm_contact.auth_seq_id_2     2048 
_pdbx_validate_symm_contact.PDB_ins_code_2    ? 
_pdbx_validate_symm_contact.label_alt_id_2    ? 
_pdbx_validate_symm_contact.site_symmetry_2   4_556 
_pdbx_validate_symm_contact.dist              2.17 
# 
_pdbx_distant_solvent_atoms.id                                1 
_pdbx_distant_solvent_atoms.PDB_model_num                     1 
_pdbx_distant_solvent_atoms.auth_atom_id                      O 
_pdbx_distant_solvent_atoms.label_alt_id                      ? 
_pdbx_distant_solvent_atoms.auth_asym_id                      A 
_pdbx_distant_solvent_atoms.auth_comp_id                      HOH 
_pdbx_distant_solvent_atoms.auth_seq_id                       2004 
_pdbx_distant_solvent_atoms.PDB_ins_code                      ? 
_pdbx_distant_solvent_atoms.neighbor_macromolecule_distance   5.98 
_pdbx_distant_solvent_atoms.neighbor_ligand_distance          . 
# 
loop_
_pdbx_unobs_or_zero_occ_residues.id 
_pdbx_unobs_or_zero_occ_residues.PDB_model_num 
_pdbx_unobs_or_zero_occ_residues.polymer_flag 
_pdbx_unobs_or_zero_occ_residues.occupancy_flag 
_pdbx_unobs_or_zero_occ_residues.auth_asym_id 
_pdbx_unobs_or_zero_occ_residues.auth_comp_id 
_pdbx_unobs_or_zero_occ_residues.auth_seq_id 
_pdbx_unobs_or_zero_occ_residues.PDB_ins_code 
_pdbx_unobs_or_zero_occ_residues.label_asym_id 
_pdbx_unobs_or_zero_occ_residues.label_comp_id 
_pdbx_unobs_or_zero_occ_residues.label_seq_id 
1  1 Y 1 A MET -25 ? A MET 1   
2  1 Y 1 A LYS -24 ? A LYS 2   
3  1 Y 1 A HIS -23 ? A HIS 3   
4  1 Y 1 A HIS -22 ? A HIS 4   
5  1 Y 1 A HIS -21 ? A HIS 5   
6  1 Y 1 A HIS -20 ? A HIS 6   
7  1 Y 1 A HIS -19 ? A HIS 7   
8  1 Y 1 A HIS -18 ? A HIS 8   
9  1 Y 1 A PRO -17 ? A PRO 9   
10 1 Y 1 A MET -16 ? A MET 10  
11 1 Y 1 A SER -15 ? A SER 11  
12 1 Y 1 A ASP -14 ? A ASP 12  
13 1 Y 1 A TYR -13 ? A TYR 13  
14 1 Y 1 A ASP -12 ? A ASP 14  
15 1 Y 1 A ILE -11 ? A ILE 15  
16 1 Y 1 A PRO -10 ? A PRO 16  
17 1 Y 1 A THR -9  ? A THR 17  
18 1 Y 1 A THR -8  ? A THR 18  
19 1 Y 1 A GLU -7  ? A GLU 19  
20 1 Y 1 A ASN -6  ? A ASN 20  
21 1 Y 1 A LEU -5  ? A LEU 21  
22 1 Y 1 A TYR -4  ? A TYR 22  
23 1 Y 1 A PHE -3  ? A PHE 23  
24 1 Y 1 A GLN -2  ? A GLN 24  
25 1 Y 1 A GLY -1  ? A GLY 25  
26 1 Y 1 A PRO 74  ? A PRO 100 
27 1 Y 1 A GLU 75  ? A GLU 101 
28 1 Y 1 A THR 76  ? A THR 102 
29 1 Y 1 A ALA 77  ? A ALA 103 
30 1 Y 1 A LYS 78  ? A LYS 104 
31 1 Y 1 A PRO 79  ? A PRO 105 
32 1 Y 1 A ALA 80  ? A ALA 106 
33 1 Y 1 A PRO 81  ? A PRO 107 
34 1 Y 1 A LEU 82  ? A LEU 108 
35 1 Y 1 A GLY 83  ? A GLY 109 
36 1 Y 1 A LYS 84  ? A LYS 110 
37 1 Y 1 A GLY 85  ? A GLY 111 
38 1 Y 1 A THR 86  ? A THR 112 
39 1 Y 1 A ALA 87  ? A ALA 113 
# 
loop_
_chem_comp_atom.comp_id 
_chem_comp_atom.atom_id 
_chem_comp_atom.type_symbol 
_chem_comp_atom.pdbx_aromatic_flag 
_chem_comp_atom.pdbx_stereo_config 
_chem_comp_atom.pdbx_ordinal 
ALA N    N N N 1   
ALA CA   C N S 2   
ALA C    C N N 3   
ALA O    O N N 4   
ALA CB   C N N 5   
ALA OXT  O N N 6   
ALA H    H N N 7   
ALA H2   H N N 8   
ALA HA   H N N 9   
ALA HB1  H N N 10  
ALA HB2  H N N 11  
ALA HB3  H N N 12  
ALA HXT  H N N 13  
ARG N    N N N 14  
ARG CA   C N S 15  
ARG C    C N N 16  
ARG O    O N N 17  
ARG CB   C N N 18  
ARG CG   C N N 19  
ARG CD   C N N 20  
ARG NE   N N N 21  
ARG CZ   C N N 22  
ARG NH1  N N N 23  
ARG NH2  N N N 24  
ARG OXT  O N N 25  
ARG H    H N N 26  
ARG H2   H N N 27  
ARG HA   H N N 28  
ARG HB2  H N N 29  
ARG HB3  H N N 30  
ARG HG2  H N N 31  
ARG HG3  H N N 32  
ARG HD2  H N N 33  
ARG HD3  H N N 34  
ARG HE   H N N 35  
ARG HH11 H N N 36  
ARG HH12 H N N 37  
ARG HH21 H N N 38  
ARG HH22 H N N 39  
ARG HXT  H N N 40  
ASN N    N N N 41  
ASN CA   C N S 42  
ASN C    C N N 43  
ASN O    O N N 44  
ASN CB   C N N 45  
ASN CG   C N N 46  
ASN OD1  O N N 47  
ASN ND2  N N N 48  
ASN OXT  O N N 49  
ASN H    H N N 50  
ASN H2   H N N 51  
ASN HA   H N N 52  
ASN HB2  H N N 53  
ASN HB3  H N N 54  
ASN HD21 H N N 55  
ASN HD22 H N N 56  
ASN HXT  H N N 57  
ASP N    N N N 58  
ASP CA   C N S 59  
ASP C    C N N 60  
ASP O    O N N 61  
ASP CB   C N N 62  
ASP CG   C N N 63  
ASP OD1  O N N 64  
ASP OD2  O N N 65  
ASP OXT  O N N 66  
ASP H    H N N 67  
ASP H2   H N N 68  
ASP HA   H N N 69  
ASP HB2  H N N 70  
ASP HB3  H N N 71  
ASP HD2  H N N 72  
ASP HXT  H N N 73  
GLN N    N N N 74  
GLN CA   C N S 75  
GLN C    C N N 76  
GLN O    O N N 77  
GLN CB   C N N 78  
GLN CG   C N N 79  
GLN CD   C N N 80  
GLN OE1  O N N 81  
GLN NE2  N N N 82  
GLN OXT  O N N 83  
GLN H    H N N 84  
GLN H2   H N N 85  
GLN HA   H N N 86  
GLN HB2  H N N 87  
GLN HB3  H N N 88  
GLN HG2  H N N 89  
GLN HG3  H N N 90  
GLN HE21 H N N 91  
GLN HE22 H N N 92  
GLN HXT  H N N 93  
GLU N    N N N 94  
GLU CA   C N S 95  
GLU C    C N N 96  
GLU O    O N N 97  
GLU CB   C N N 98  
GLU CG   C N N 99  
GLU CD   C N N 100 
GLU OE1  O N N 101 
GLU OE2  O N N 102 
GLU OXT  O N N 103 
GLU H    H N N 104 
GLU H2   H N N 105 
GLU HA   H N N 106 
GLU HB2  H N N 107 
GLU HB3  H N N 108 
GLU HG2  H N N 109 
GLU HG3  H N N 110 
GLU HE2  H N N 111 
GLU HXT  H N N 112 
GLY N    N N N 113 
GLY CA   C N N 114 
GLY C    C N N 115 
GLY O    O N N 116 
GLY OXT  O N N 117 
GLY H    H N N 118 
GLY H2   H N N 119 
GLY HA2  H N N 120 
GLY HA3  H N N 121 
GLY HXT  H N N 122 
HIS N    N N N 123 
HIS CA   C N S 124 
HIS C    C N N 125 
HIS O    O N N 126 
HIS CB   C N N 127 
HIS CG   C Y N 128 
HIS ND1  N Y N 129 
HIS CD2  C Y N 130 
HIS CE1  C Y N 131 
HIS NE2  N Y N 132 
HIS OXT  O N N 133 
HIS H    H N N 134 
HIS H2   H N N 135 
HIS HA   H N N 136 
HIS HB2  H N N 137 
HIS HB3  H N N 138 
HIS HD1  H N N 139 
HIS HD2  H N N 140 
HIS HE1  H N N 141 
HIS HE2  H N N 142 
HIS HXT  H N N 143 
HOH O    O N N 144 
HOH H1   H N N 145 
HOH H2   H N N 146 
ILE N    N N N 147 
ILE CA   C N S 148 
ILE C    C N N 149 
ILE O    O N N 150 
ILE CB   C N S 151 
ILE CG1  C N N 152 
ILE CG2  C N N 153 
ILE CD1  C N N 154 
ILE OXT  O N N 155 
ILE H    H N N 156 
ILE H2   H N N 157 
ILE HA   H N N 158 
ILE HB   H N N 159 
ILE HG12 H N N 160 
ILE HG13 H N N 161 
ILE HG21 H N N 162 
ILE HG22 H N N 163 
ILE HG23 H N N 164 
ILE HD11 H N N 165 
ILE HD12 H N N 166 
ILE HD13 H N N 167 
ILE HXT  H N N 168 
LEU N    N N N 169 
LEU CA   C N S 170 
LEU C    C N N 171 
LEU O    O N N 172 
LEU CB   C N N 173 
LEU CG   C N N 174 
LEU CD1  C N N 175 
LEU CD2  C N N 176 
LEU OXT  O N N 177 
LEU H    H N N 178 
LEU H2   H N N 179 
LEU HA   H N N 180 
LEU HB2  H N N 181 
LEU HB3  H N N 182 
LEU HG   H N N 183 
LEU HD11 H N N 184 
LEU HD12 H N N 185 
LEU HD13 H N N 186 
LEU HD21 H N N 187 
LEU HD22 H N N 188 
LEU HD23 H N N 189 
LEU HXT  H N N 190 
LYS N    N N N 191 
LYS CA   C N S 192 
LYS C    C N N 193 
LYS O    O N N 194 
LYS CB   C N N 195 
LYS CG   C N N 196 
LYS CD   C N N 197 
LYS CE   C N N 198 
LYS NZ   N N N 199 
LYS OXT  O N N 200 
LYS H    H N N 201 
LYS H2   H N N 202 
LYS HA   H N N 203 
LYS HB2  H N N 204 
LYS HB3  H N N 205 
LYS HG2  H N N 206 
LYS HG3  H N N 207 
LYS HD2  H N N 208 
LYS HD3  H N N 209 
LYS HE2  H N N 210 
LYS HE3  H N N 211 
LYS HZ1  H N N 212 
LYS HZ2  H N N 213 
LYS HZ3  H N N 214 
LYS HXT  H N N 215 
MET N    N N N 216 
MET CA   C N S 217 
MET C    C N N 218 
MET O    O N N 219 
MET CB   C N N 220 
MET CG   C N N 221 
MET SD   S N N 222 
MET CE   C N N 223 
MET OXT  O N N 224 
MET H    H N N 225 
MET H2   H N N 226 
MET HA   H N N 227 
MET HB2  H N N 228 
MET HB3  H N N 229 
MET HG2  H N N 230 
MET HG3  H N N 231 
MET HE1  H N N 232 
MET HE2  H N N 233 
MET HE3  H N N 234 
MET HXT  H N N 235 
PHE N    N N N 236 
PHE CA   C N S 237 
PHE C    C N N 238 
PHE O    O N N 239 
PHE CB   C N N 240 
PHE CG   C Y N 241 
PHE CD1  C Y N 242 
PHE CD2  C Y N 243 
PHE CE1  C Y N 244 
PHE CE2  C Y N 245 
PHE CZ   C Y N 246 
PHE OXT  O N N 247 
PHE H    H N N 248 
PHE H2   H N N 249 
PHE HA   H N N 250 
PHE HB2  H N N 251 
PHE HB3  H N N 252 
PHE HD1  H N N 253 
PHE HD2  H N N 254 
PHE HE1  H N N 255 
PHE HE2  H N N 256 
PHE HZ   H N N 257 
PHE HXT  H N N 258 
PRO N    N N N 259 
PRO CA   C N S 260 
PRO C    C N N 261 
PRO O    O N N 262 
PRO CB   C N N 263 
PRO CG   C N N 264 
PRO CD   C N N 265 
PRO OXT  O N N 266 
PRO H    H N N 267 
PRO HA   H N N 268 
PRO HB2  H N N 269 
PRO HB3  H N N 270 
PRO HG2  H N N 271 
PRO HG3  H N N 272 
PRO HD2  H N N 273 
PRO HD3  H N N 274 
PRO HXT  H N N 275 
SER N    N N N 276 
SER CA   C N S 277 
SER C    C N N 278 
SER O    O N N 279 
SER CB   C N N 280 
SER OG   O N N 281 
SER OXT  O N N 282 
SER H    H N N 283 
SER H2   H N N 284 
SER HA   H N N 285 
SER HB2  H N N 286 
SER HB3  H N N 287 
SER HG   H N N 288 
SER HXT  H N N 289 
THR N    N N N 290 
THR CA   C N S 291 
THR C    C N N 292 
THR O    O N N 293 
THR CB   C N R 294 
THR OG1  O N N 295 
THR CG2  C N N 296 
THR OXT  O N N 297 
THR H    H N N 298 
THR H2   H N N 299 
THR HA   H N N 300 
THR HB   H N N 301 
THR HG1  H N N 302 
THR HG21 H N N 303 
THR HG22 H N N 304 
THR HG23 H N N 305 
THR HXT  H N N 306 
TRP N    N N N 307 
TRP CA   C N S 308 
TRP C    C N N 309 
TRP O    O N N 310 
TRP CB   C N N 311 
TRP CG   C Y N 312 
TRP CD1  C Y N 313 
TRP CD2  C Y N 314 
TRP NE1  N Y N 315 
TRP CE2  C Y N 316 
TRP CE3  C Y N 317 
TRP CZ2  C Y N 318 
TRP CZ3  C Y N 319 
TRP CH2  C Y N 320 
TRP OXT  O N N 321 
TRP H    H N N 322 
TRP H2   H N N 323 
TRP HA   H N N 324 
TRP HB2  H N N 325 
TRP HB3  H N N 326 
TRP HD1  H N N 327 
TRP HE1  H N N 328 
TRP HE3  H N N 329 
TRP HZ2  H N N 330 
TRP HZ3  H N N 331 
TRP HH2  H N N 332 
TRP HXT  H N N 333 
TYR N    N N N 334 
TYR CA   C N S 335 
TYR C    C N N 336 
TYR O    O N N 337 
TYR CB   C N N 338 
TYR CG   C Y N 339 
TYR CD1  C Y N 340 
TYR CD2  C Y N 341 
TYR CE1  C Y N 342 
TYR CE2  C Y N 343 
TYR CZ   C Y N 344 
TYR OH   O N N 345 
TYR OXT  O N N 346 
TYR H    H N N 347 
TYR H2   H N N 348 
TYR HA   H N N 349 
TYR HB2  H N N 350 
TYR HB3  H N N 351 
TYR HD1  H N N 352 
TYR HD2  H N N 353 
TYR HE1  H N N 354 
TYR HE2  H N N 355 
TYR HH   H N N 356 
TYR HXT  H N N 357 
VAL N    N N N 358 
VAL CA   C N S 359 
VAL C    C N N 360 
VAL O    O N N 361 
VAL CB   C N N 362 
VAL CG1  C N N 363 
VAL CG2  C N N 364 
VAL OXT  O N N 365 
VAL H    H N N 366 
VAL H2   H N N 367 
VAL HA   H N N 368 
VAL HB   H N N 369 
VAL HG11 H N N 370 
VAL HG12 H N N 371 
VAL HG13 H N N 372 
VAL HG21 H N N 373 
VAL HG22 H N N 374 
VAL HG23 H N N 375 
VAL HXT  H N N 376 
# 
loop_
_chem_comp_bond.comp_id 
_chem_comp_bond.atom_id_1 
_chem_comp_bond.atom_id_2 
_chem_comp_bond.value_order 
_chem_comp_bond.pdbx_aromatic_flag 
_chem_comp_bond.pdbx_stereo_config 
_chem_comp_bond.pdbx_ordinal 
ALA N   CA   sing N N 1   
ALA N   H    sing N N 2   
ALA N   H2   sing N N 3   
ALA CA  C    sing N N 4   
ALA CA  CB   sing N N 5   
ALA CA  HA   sing N N 6   
ALA C   O    doub N N 7   
ALA C   OXT  sing N N 8   
ALA CB  HB1  sing N N 9   
ALA CB  HB2  sing N N 10  
ALA CB  HB3  sing N N 11  
ALA OXT HXT  sing N N 12  
ARG N   CA   sing N N 13  
ARG N   H    sing N N 14  
ARG N   H2   sing N N 15  
ARG CA  C    sing N N 16  
ARG CA  CB   sing N N 17  
ARG CA  HA   sing N N 18  
ARG C   O    doub N N 19  
ARG C   OXT  sing N N 20  
ARG CB  CG   sing N N 21  
ARG CB  HB2  sing N N 22  
ARG CB  HB3  sing N N 23  
ARG CG  CD   sing N N 24  
ARG CG  HG2  sing N N 25  
ARG CG  HG3  sing N N 26  
ARG CD  NE   sing N N 27  
ARG CD  HD2  sing N N 28  
ARG CD  HD3  sing N N 29  
ARG NE  CZ   sing N N 30  
ARG NE  HE   sing N N 31  
ARG CZ  NH1  sing N N 32  
ARG CZ  NH2  doub N N 33  
ARG NH1 HH11 sing N N 34  
ARG NH1 HH12 sing N N 35  
ARG NH2 HH21 sing N N 36  
ARG NH2 HH22 sing N N 37  
ARG OXT HXT  sing N N 38  
ASN N   CA   sing N N 39  
ASN N   H    sing N N 40  
ASN N   H2   sing N N 41  
ASN CA  C    sing N N 42  
ASN CA  CB   sing N N 43  
ASN CA  HA   sing N N 44  
ASN C   O    doub N N 45  
ASN C   OXT  sing N N 46  
ASN CB  CG   sing N N 47  
ASN CB  HB2  sing N N 48  
ASN CB  HB3  sing N N 49  
ASN CG  OD1  doub N N 50  
ASN CG  ND2  sing N N 51  
ASN ND2 HD21 sing N N 52  
ASN ND2 HD22 sing N N 53  
ASN OXT HXT  sing N N 54  
ASP N   CA   sing N N 55  
ASP N   H    sing N N 56  
ASP N   H2   sing N N 57  
ASP CA  C    sing N N 58  
ASP CA  CB   sing N N 59  
ASP CA  HA   sing N N 60  
ASP C   O    doub N N 61  
ASP C   OXT  sing N N 62  
ASP CB  CG   sing N N 63  
ASP CB  HB2  sing N N 64  
ASP CB  HB3  sing N N 65  
ASP CG  OD1  doub N N 66  
ASP CG  OD2  sing N N 67  
ASP OD2 HD2  sing N N 68  
ASP OXT HXT  sing N N 69  
GLN N   CA   sing N N 70  
GLN N   H    sing N N 71  
GLN N   H2   sing N N 72  
GLN CA  C    sing N N 73  
GLN CA  CB   sing N N 74  
GLN CA  HA   sing N N 75  
GLN C   O    doub N N 76  
GLN C   OXT  sing N N 77  
GLN CB  CG   sing N N 78  
GLN CB  HB2  sing N N 79  
GLN CB  HB3  sing N N 80  
GLN CG  CD   sing N N 81  
GLN CG  HG2  sing N N 82  
GLN CG  HG3  sing N N 83  
GLN CD  OE1  doub N N 84  
GLN CD  NE2  sing N N 85  
GLN NE2 HE21 sing N N 86  
GLN NE2 HE22 sing N N 87  
GLN OXT HXT  sing N N 88  
GLU N   CA   sing N N 89  
GLU N   H    sing N N 90  
GLU N   H2   sing N N 91  
GLU CA  C    sing N N 92  
GLU CA  CB   sing N N 93  
GLU CA  HA   sing N N 94  
GLU C   O    doub N N 95  
GLU C   OXT  sing N N 96  
GLU CB  CG   sing N N 97  
GLU CB  HB2  sing N N 98  
GLU CB  HB3  sing N N 99  
GLU CG  CD   sing N N 100 
GLU CG  HG2  sing N N 101 
GLU CG  HG3  sing N N 102 
GLU CD  OE1  doub N N 103 
GLU CD  OE2  sing N N 104 
GLU OE2 HE2  sing N N 105 
GLU OXT HXT  sing N N 106 
GLY N   CA   sing N N 107 
GLY N   H    sing N N 108 
GLY N   H2   sing N N 109 
GLY CA  C    sing N N 110 
GLY CA  HA2  sing N N 111 
GLY CA  HA3  sing N N 112 
GLY C   O    doub N N 113 
GLY C   OXT  sing N N 114 
GLY OXT HXT  sing N N 115 
HIS N   CA   sing N N 116 
HIS N   H    sing N N 117 
HIS N   H2   sing N N 118 
HIS CA  C    sing N N 119 
HIS CA  CB   sing N N 120 
HIS CA  HA   sing N N 121 
HIS C   O    doub N N 122 
HIS C   OXT  sing N N 123 
HIS CB  CG   sing N N 124 
HIS CB  HB2  sing N N 125 
HIS CB  HB3  sing N N 126 
HIS CG  ND1  sing Y N 127 
HIS CG  CD2  doub Y N 128 
HIS ND1 CE1  doub Y N 129 
HIS ND1 HD1  sing N N 130 
HIS CD2 NE2  sing Y N 131 
HIS CD2 HD2  sing N N 132 
HIS CE1 NE2  sing Y N 133 
HIS CE1 HE1  sing N N 134 
HIS NE2 HE2  sing N N 135 
HIS OXT HXT  sing N N 136 
HOH O   H1   sing N N 137 
HOH O   H2   sing N N 138 
ILE N   CA   sing N N 139 
ILE N   H    sing N N 140 
ILE N   H2   sing N N 141 
ILE CA  C    sing N N 142 
ILE CA  CB   sing N N 143 
ILE CA  HA   sing N N 144 
ILE C   O    doub N N 145 
ILE C   OXT  sing N N 146 
ILE CB  CG1  sing N N 147 
ILE CB  CG2  sing N N 148 
ILE CB  HB   sing N N 149 
ILE CG1 CD1  sing N N 150 
ILE CG1 HG12 sing N N 151 
ILE CG1 HG13 sing N N 152 
ILE CG2 HG21 sing N N 153 
ILE CG2 HG22 sing N N 154 
ILE CG2 HG23 sing N N 155 
ILE CD1 HD11 sing N N 156 
ILE CD1 HD12 sing N N 157 
ILE CD1 HD13 sing N N 158 
ILE OXT HXT  sing N N 159 
LEU N   CA   sing N N 160 
LEU N   H    sing N N 161 
LEU N   H2   sing N N 162 
LEU CA  C    sing N N 163 
LEU CA  CB   sing N N 164 
LEU CA  HA   sing N N 165 
LEU C   O    doub N N 166 
LEU C   OXT  sing N N 167 
LEU CB  CG   sing N N 168 
LEU CB  HB2  sing N N 169 
LEU CB  HB3  sing N N 170 
LEU CG  CD1  sing N N 171 
LEU CG  CD2  sing N N 172 
LEU CG  HG   sing N N 173 
LEU CD1 HD11 sing N N 174 
LEU CD1 HD12 sing N N 175 
LEU CD1 HD13 sing N N 176 
LEU CD2 HD21 sing N N 177 
LEU CD2 HD22 sing N N 178 
LEU CD2 HD23 sing N N 179 
LEU OXT HXT  sing N N 180 
LYS N   CA   sing N N 181 
LYS N   H    sing N N 182 
LYS N   H2   sing N N 183 
LYS CA  C    sing N N 184 
LYS CA  CB   sing N N 185 
LYS CA  HA   sing N N 186 
LYS C   O    doub N N 187 
LYS C   OXT  sing N N 188 
LYS CB  CG   sing N N 189 
LYS CB  HB2  sing N N 190 
LYS CB  HB3  sing N N 191 
LYS CG  CD   sing N N 192 
LYS CG  HG2  sing N N 193 
LYS CG  HG3  sing N N 194 
LYS CD  CE   sing N N 195 
LYS CD  HD2  sing N N 196 
LYS CD  HD3  sing N N 197 
LYS CE  NZ   sing N N 198 
LYS CE  HE2  sing N N 199 
LYS CE  HE3  sing N N 200 
LYS NZ  HZ1  sing N N 201 
LYS NZ  HZ2  sing N N 202 
LYS NZ  HZ3  sing N N 203 
LYS OXT HXT  sing N N 204 
MET N   CA   sing N N 205 
MET N   H    sing N N 206 
MET N   H2   sing N N 207 
MET CA  C    sing N N 208 
MET CA  CB   sing N N 209 
MET CA  HA   sing N N 210 
MET C   O    doub N N 211 
MET C   OXT  sing N N 212 
MET CB  CG   sing N N 213 
MET CB  HB2  sing N N 214 
MET CB  HB3  sing N N 215 
MET CG  SD   sing N N 216 
MET CG  HG2  sing N N 217 
MET CG  HG3  sing N N 218 
MET SD  CE   sing N N 219 
MET CE  HE1  sing N N 220 
MET CE  HE2  sing N N 221 
MET CE  HE3  sing N N 222 
MET OXT HXT  sing N N 223 
PHE N   CA   sing N N 224 
PHE N   H    sing N N 225 
PHE N   H2   sing N N 226 
PHE CA  C    sing N N 227 
PHE CA  CB   sing N N 228 
PHE CA  HA   sing N N 229 
PHE C   O    doub N N 230 
PHE C   OXT  sing N N 231 
PHE CB  CG   sing N N 232 
PHE CB  HB2  sing N N 233 
PHE CB  HB3  sing N N 234 
PHE CG  CD1  doub Y N 235 
PHE CG  CD2  sing Y N 236 
PHE CD1 CE1  sing Y N 237 
PHE CD1 HD1  sing N N 238 
PHE CD2 CE2  doub Y N 239 
PHE CD2 HD2  sing N N 240 
PHE CE1 CZ   doub Y N 241 
PHE CE1 HE1  sing N N 242 
PHE CE2 CZ   sing Y N 243 
PHE CE2 HE2  sing N N 244 
PHE CZ  HZ   sing N N 245 
PHE OXT HXT  sing N N 246 
PRO N   CA   sing N N 247 
PRO N   CD   sing N N 248 
PRO N   H    sing N N 249 
PRO CA  C    sing N N 250 
PRO CA  CB   sing N N 251 
PRO CA  HA   sing N N 252 
PRO C   O    doub N N 253 
PRO C   OXT  sing N N 254 
PRO CB  CG   sing N N 255 
PRO CB  HB2  sing N N 256 
PRO CB  HB3  sing N N 257 
PRO CG  CD   sing N N 258 
PRO CG  HG2  sing N N 259 
PRO CG  HG3  sing N N 260 
PRO CD  HD2  sing N N 261 
PRO CD  HD3  sing N N 262 
PRO OXT HXT  sing N N 263 
SER N   CA   sing N N 264 
SER N   H    sing N N 265 
SER N   H2   sing N N 266 
SER CA  C    sing N N 267 
SER CA  CB   sing N N 268 
SER CA  HA   sing N N 269 
SER C   O    doub N N 270 
SER C   OXT  sing N N 271 
SER CB  OG   sing N N 272 
SER CB  HB2  sing N N 273 
SER CB  HB3  sing N N 274 
SER OG  HG   sing N N 275 
SER OXT HXT  sing N N 276 
THR N   CA   sing N N 277 
THR N   H    sing N N 278 
THR N   H2   sing N N 279 
THR CA  C    sing N N 280 
THR CA  CB   sing N N 281 
THR CA  HA   sing N N 282 
THR C   O    doub N N 283 
THR C   OXT  sing N N 284 
THR CB  OG1  sing N N 285 
THR CB  CG2  sing N N 286 
THR CB  HB   sing N N 287 
THR OG1 HG1  sing N N 288 
THR CG2 HG21 sing N N 289 
THR CG2 HG22 sing N N 290 
THR CG2 HG23 sing N N 291 
THR OXT HXT  sing N N 292 
TRP N   CA   sing N N 293 
TRP N   H    sing N N 294 
TRP N   H2   sing N N 295 
TRP CA  C    sing N N 296 
TRP CA  CB   sing N N 297 
TRP CA  HA   sing N N 298 
TRP C   O    doub N N 299 
TRP C   OXT  sing N N 300 
TRP CB  CG   sing N N 301 
TRP CB  HB2  sing N N 302 
TRP CB  HB3  sing N N 303 
TRP CG  CD1  doub Y N 304 
TRP CG  CD2  sing Y N 305 
TRP CD1 NE1  sing Y N 306 
TRP CD1 HD1  sing N N 307 
TRP CD2 CE2  doub Y N 308 
TRP CD2 CE3  sing Y N 309 
TRP NE1 CE2  sing Y N 310 
TRP NE1 HE1  sing N N 311 
TRP CE2 CZ2  sing Y N 312 
TRP CE3 CZ3  doub Y N 313 
TRP CE3 HE3  sing N N 314 
TRP CZ2 CH2  doub Y N 315 
TRP CZ2 HZ2  sing N N 316 
TRP CZ3 CH2  sing Y N 317 
TRP CZ3 HZ3  sing N N 318 
TRP CH2 HH2  sing N N 319 
TRP OXT HXT  sing N N 320 
TYR N   CA   sing N N 321 
TYR N   H    sing N N 322 
TYR N   H2   sing N N 323 
TYR CA  C    sing N N 324 
TYR CA  CB   sing N N 325 
TYR CA  HA   sing N N 326 
TYR C   O    doub N N 327 
TYR C   OXT  sing N N 328 
TYR CB  CG   sing N N 329 
TYR CB  HB2  sing N N 330 
TYR CB  HB3  sing N N 331 
TYR CG  CD1  doub Y N 332 
TYR CG  CD2  sing Y N 333 
TYR CD1 CE1  sing Y N 334 
TYR CD1 HD1  sing N N 335 
TYR CD2 CE2  doub Y N 336 
TYR CD2 HD2  sing N N 337 
TYR CE1 CZ   doub Y N 338 
TYR CE1 HE1  sing N N 339 
TYR CE2 CZ   sing Y N 340 
TYR CE2 HE2  sing N N 341 
TYR CZ  OH   sing N N 342 
TYR OH  HH   sing N N 343 
TYR OXT HXT  sing N N 344 
VAL N   CA   sing N N 345 
VAL N   H    sing N N 346 
VAL N   H2   sing N N 347 
VAL CA  C    sing N N 348 
VAL CA  CB   sing N N 349 
VAL CA  HA   sing N N 350 
VAL C   O    doub N N 351 
VAL C   OXT  sing N N 352 
VAL CB  CG1  sing N N 353 
VAL CB  CG2  sing N N 354 
VAL CB  HB   sing N N 355 
VAL CG1 HG11 sing N N 356 
VAL CG1 HG12 sing N N 357 
VAL CG1 HG13 sing N N 358 
VAL CG2 HG21 sing N N 359 
VAL CG2 HG22 sing N N 360 
VAL CG2 HG23 sing N N 361 
VAL OXT HXT  sing N N 362 
# 
_pdbx_entity_nonpoly.entity_id   2 
_pdbx_entity_nonpoly.name        water 
_pdbx_entity_nonpoly.comp_id     HOH 
# 
_pdbx_initial_refinement_model.id               1 
_pdbx_initial_refinement_model.entity_id_list   ? 
_pdbx_initial_refinement_model.type             'experimental model' 
_pdbx_initial_refinement_model.source_name      PDB 
_pdbx_initial_refinement_model.accession_code   1T8K 
_pdbx_initial_refinement_model.details          'PDB ENTRY 1T8K' 
# 
